data_7EU2
#
_entry.id   7EU2
#
_cell.length_a   70.490
_cell.length_b   103.340
_cell.length_c   128.410
_cell.angle_alpha   90.00
_cell.angle_beta   90.00
_cell.angle_gamma   90.00
#
_symmetry.space_group_name_H-M   'P 2 21 21'
#
loop_
_entity.id
_entity.type
_entity.pdbx_description
1 polymer 'MHC class I antigen'
2 polymer Beta-2-microglobulin
3 polymer 'SARS-CoV-2 T-cell Epitope S1'
#
loop_
_entity_poly.entity_id
_entity_poly.type
_entity_poly.pdbx_seq_one_letter_code
_entity_poly.pdbx_strand_id
1 'polypeptide(L)'
;MNSVDGSHSMRYFFTSVSRPGRGEPRFIAVGYVDDTQFVRFDSDAASQRMEPRAPWIEQEGPEYWDGETRKVKAHSQTHR
VDLGTLRGYYNQSEAGSHTVQRMYGCDVGSDWRFLRGYHQYAYDGKDYIALKEDLRSWTAADMAAQTTKHKWEAAHVAEQ
LRAYLEGTCVEWLRRYLENGKETLQRTDAPKTHMTHHAVSDHEATLRCWALSFYPAEITLTWQRDGEDQTQDTELVETRP
AGDGTFQKWAAVVVPSGQEQRYTCHVQHEGLPKPLTLRWEPGSGLNDIFEAQKIEWHAAALEHHHHHH
;
A,D
2 'polypeptide(L)'
;GSVDMIQRTPKIQVYSRHPAENGKSNFLNCYVSGFHPSDIEVDLLKNGERIEKVEHSDLSFSKDWSFYLLYYTEFTPTEK
DEYACRVNHVTLSQPKIVKWDRDM
;
B,E
3 'polypeptide(L)' KIADYNYKL C,F
#
# COMPACT_ATOMS: atom_id res chain seq x y z
N ASN A 2 -11.91 -3.19 2.34
CA ASN A 2 -11.10 -2.36 1.47
C ASN A 2 -10.73 -1.04 2.14
N SER A 3 -11.32 -0.78 3.31
CA SER A 3 -11.05 0.47 4.00
C SER A 3 -9.71 0.42 4.71
N VAL A 4 -9.33 1.56 5.28
CA VAL A 4 -8.02 1.67 5.92
C VAL A 4 -7.96 0.75 7.14
N ASP A 5 -6.77 0.21 7.39
CA ASP A 5 -6.58 -0.66 8.55
C ASP A 5 -6.66 0.15 9.84
N GLY A 6 -7.15 -0.49 10.89
CA GLY A 6 -7.03 0.07 12.21
C GLY A 6 -5.71 -0.34 12.84
N SER A 7 -5.25 0.47 13.81
CA SER A 7 -3.99 0.15 14.47
C SER A 7 -4.07 -1.17 15.20
N HIS A 8 -5.23 -1.47 15.79
CA HIS A 8 -5.39 -2.71 16.53
C HIS A 8 -6.84 -3.14 16.44
N SER A 9 -7.08 -4.43 16.68
CA SER A 9 -8.41 -4.98 16.56
C SER A 9 -8.57 -6.14 17.54
N MET A 10 -9.76 -6.27 18.11
CA MET A 10 -10.14 -7.45 18.85
C MET A 10 -11.32 -8.10 18.14
N ARG A 11 -11.22 -9.40 17.89
CA ARG A 11 -12.22 -10.13 17.13
C ARG A 11 -12.52 -11.45 17.82
N TYR A 12 -13.80 -11.82 17.83
CA TYR A 12 -14.24 -13.10 18.38
C TYR A 12 -14.92 -13.91 17.29
N PHE A 13 -14.59 -15.20 17.23
CA PHE A 13 -15.09 -16.10 16.20
C PHE A 13 -15.83 -17.25 16.86
N PHE A 14 -17.06 -17.51 16.42
CA PHE A 14 -17.91 -18.55 16.99
C PHE A 14 -18.40 -19.47 15.88
N THR A 15 -18.30 -20.77 16.12
CA THR A 15 -18.74 -21.78 15.17
C THR A 15 -19.59 -22.81 15.90
N SER A 16 -20.80 -23.05 15.41
CA SER A 16 -21.65 -24.13 15.90
C SER A 16 -21.94 -25.08 14.75
N VAL A 17 -21.74 -26.38 14.99
CA VAL A 17 -21.95 -27.42 13.98
C VAL A 17 -22.93 -28.42 14.56
N SER A 18 -24.12 -28.50 14.00
CA SER A 18 -25.11 -29.47 14.44
C SER A 18 -24.66 -30.89 14.09
N ARG A 19 -24.85 -31.80 15.04
CA ARG A 19 -24.53 -33.21 14.85
C ARG A 19 -25.84 -34.00 14.99
N PRO A 20 -26.53 -34.27 13.88
CA PRO A 20 -27.82 -34.96 13.97
C PRO A 20 -27.70 -36.37 14.51
N GLY A 21 -28.78 -36.83 15.12
CA GLY A 21 -28.81 -38.08 15.83
C GLY A 21 -29.04 -37.76 17.30
N ARG A 22 -27.98 -37.35 17.98
CA ARG A 22 -28.05 -36.75 19.30
C ARG A 22 -26.66 -36.26 19.68
N GLY A 23 -26.64 -35.37 20.66
CA GLY A 23 -25.53 -34.58 21.13
C GLY A 23 -25.82 -33.13 20.74
N GLU A 24 -25.59 -32.23 21.69
CA GLU A 24 -25.70 -30.82 21.38
C GLU A 24 -24.66 -30.45 20.32
N PRO A 25 -24.95 -29.46 19.48
CA PRO A 25 -23.98 -29.09 18.45
C PRO A 25 -22.65 -28.69 19.08
N ARG A 26 -21.59 -28.83 18.27
CA ARG A 26 -20.25 -28.51 18.72
C ARG A 26 -20.05 -27.01 18.66
N PHE A 27 -19.42 -26.46 19.69
CA PHE A 27 -19.24 -25.01 19.80
C PHE A 27 -17.78 -24.68 20.05
N ILE A 28 -17.21 -23.85 19.19
CA ILE A 28 -15.85 -23.35 19.33
C ILE A 28 -15.90 -21.83 19.33
N ALA A 29 -15.23 -21.23 20.32
CA ALA A 29 -15.09 -19.78 20.40
C ALA A 29 -13.60 -19.46 20.44
N VAL A 30 -13.20 -18.46 19.65
CA VAL A 30 -11.82 -18.02 19.59
C VAL A 30 -11.80 -16.51 19.54
N GLY A 31 -10.91 -15.90 20.33
CA GLY A 31 -10.76 -14.46 20.36
C GLY A 31 -9.36 -14.06 19.95
N TYR A 32 -9.27 -12.99 19.15
CA TYR A 32 -8.01 -12.51 18.62
C TYR A 32 -7.81 -11.05 19.03
N VAL A 33 -6.56 -10.70 19.30
CA VAL A 33 -6.13 -9.30 19.27
C VAL A 33 -5.15 -9.20 18.12
N ASP A 34 -5.54 -8.45 17.07
CA ASP A 34 -4.89 -8.53 15.77
C ASP A 34 -4.74 -9.98 15.34
N ASP A 35 -3.49 -10.42 15.18
CA ASP A 35 -3.18 -11.76 14.70
C ASP A 35 -2.66 -12.68 15.80
N THR A 36 -3.15 -12.48 17.03
CA THR A 36 -2.72 -13.28 18.18
C THR A 36 -3.96 -13.79 18.90
N GLN A 37 -4.08 -15.12 18.99
CA GLN A 37 -5.17 -15.74 19.73
C GLN A 37 -4.90 -15.63 21.23
N PHE A 38 -5.96 -15.34 22.00
CA PHE A 38 -5.78 -15.30 23.46
C PHE A 38 -6.79 -16.14 24.24
N VAL A 39 -7.99 -16.35 23.71
CA VAL A 39 -9.03 -17.08 24.43
C VAL A 39 -9.49 -18.26 23.58
N ARG A 40 -9.90 -19.34 24.25
CA ARG A 40 -10.51 -20.47 23.58
C ARG A 40 -11.66 -21.01 24.42
N PHE A 41 -12.68 -21.54 23.73
CA PHE A 41 -13.67 -22.41 24.36
C PHE A 41 -14.04 -23.49 23.37
N ASP A 42 -13.90 -24.75 23.77
CA ASP A 42 -14.28 -25.90 22.95
C ASP A 42 -15.28 -26.74 23.73
N SER A 43 -16.44 -26.99 23.12
CA SER A 43 -17.46 -27.82 23.78
C SER A 43 -17.00 -29.26 23.93
N ASP A 44 -16.16 -29.75 23.01
CA ASP A 44 -15.65 -31.11 23.12
C ASP A 44 -14.50 -31.23 24.12
N ALA A 45 -13.91 -30.12 24.51
CA ALA A 45 -12.84 -30.16 25.50
C ALA A 45 -13.42 -30.45 26.89
N ALA A 46 -12.55 -30.88 27.81
CA ALA A 46 -12.97 -31.32 29.13
C ALA A 46 -13.08 -30.19 30.15
N SER A 47 -12.47 -29.02 29.88
CA SER A 47 -12.51 -27.92 30.85
C SER A 47 -13.92 -27.38 31.02
N GLN A 48 -14.67 -27.22 29.93
CA GLN A 48 -15.98 -26.56 29.93
C GLN A 48 -15.89 -25.14 30.48
N ARG A 49 -14.75 -24.49 30.23
CA ARG A 49 -14.52 -23.10 30.61
C ARG A 49 -13.76 -22.40 29.48
N MET A 50 -13.80 -21.08 29.51
CA MET A 50 -13.00 -20.31 28.58
C MET A 50 -11.54 -20.35 29.05
N GLU A 51 -10.64 -20.69 28.14
CA GLU A 51 -9.28 -20.94 28.59
C GLU A 51 -8.30 -19.95 27.97
N PRO A 52 -7.23 -19.60 28.68
CA PRO A 52 -6.22 -18.70 28.12
C PRO A 52 -5.32 -19.39 27.11
N ARG A 53 -4.98 -18.67 26.04
CA ARG A 53 -3.98 -19.12 25.09
C ARG A 53 -3.00 -18.01 24.75
N ALA A 54 -2.78 -17.10 25.69
CA ALA A 54 -1.77 -16.06 25.62
C ALA A 54 -1.34 -15.77 27.05
N PRO A 55 -0.06 -15.53 27.31
CA PRO A 55 0.38 -15.36 28.70
C PRO A 55 -0.14 -14.10 29.35
N TRP A 56 -0.38 -13.03 28.58
CA TRP A 56 -0.80 -11.75 29.15
C TRP A 56 -2.27 -11.75 29.57
N ILE A 57 -3.05 -12.77 29.17
CA ILE A 57 -4.43 -12.86 29.62
C ILE A 57 -4.59 -13.77 30.84
N GLU A 58 -3.55 -14.53 31.19
CA GLU A 58 -3.57 -15.30 32.43
C GLU A 58 -3.55 -14.41 33.65
N GLN A 59 -3.12 -13.16 33.51
CA GLN A 59 -3.15 -12.20 34.61
C GLN A 59 -4.53 -12.13 35.25
N GLU A 60 -5.57 -12.08 34.44
CA GLU A 60 -6.94 -11.87 34.93
C GLU A 60 -7.33 -12.96 35.92
N GLY A 61 -8.03 -12.55 36.96
CA GLY A 61 -8.40 -13.45 38.03
C GLY A 61 -9.71 -14.17 37.80
N PRO A 62 -10.22 -14.83 38.84
CA PRO A 62 -11.45 -15.62 38.69
C PRO A 62 -12.67 -14.87 38.22
N GLU A 63 -12.83 -13.57 38.52
CA GLU A 63 -14.05 -12.90 38.05
C GLU A 63 -14.07 -12.78 36.54
N TYR A 64 -12.90 -12.58 35.92
CA TYR A 64 -12.84 -12.51 34.46
C TYR A 64 -13.25 -13.84 33.84
N TRP A 65 -12.59 -14.91 34.27
CA TRP A 65 -12.81 -16.24 33.68
C TRP A 65 -14.22 -16.74 33.97
N ASP A 66 -14.71 -16.57 35.21
CA ASP A 66 -16.09 -16.93 35.51
C ASP A 66 -17.06 -16.19 34.62
N GLY A 67 -16.83 -14.88 34.41
CA GLY A 67 -17.72 -14.12 33.57
C GLY A 67 -17.69 -14.58 32.11
N GLU A 68 -16.48 -14.73 31.56
CA GLU A 68 -16.37 -15.16 30.17
C GLU A 68 -16.95 -16.55 29.98
N THR A 69 -16.75 -17.45 30.95
CA THR A 69 -17.30 -18.79 30.84
C THR A 69 -18.83 -18.77 30.89
N ARG A 70 -19.41 -17.89 31.71
CA ARG A 70 -20.86 -17.77 31.75
C ARG A 70 -21.41 -17.22 30.44
N LYS A 71 -20.70 -16.27 29.83
CA LYS A 71 -21.17 -15.64 28.61
C LYS A 71 -20.84 -16.47 27.36
N VAL A 72 -19.78 -17.29 27.40
CA VAL A 72 -19.47 -18.12 26.24
C VAL A 72 -20.48 -19.25 26.11
N LYS A 73 -20.96 -19.78 27.23
CA LYS A 73 -21.98 -20.81 27.17
C LYS A 73 -23.32 -20.23 26.73
N ALA A 74 -23.56 -18.95 27.03
CA ALA A 74 -24.75 -18.27 26.51
C ALA A 74 -24.71 -18.17 25.00
N HIS A 75 -23.54 -17.86 24.44
CA HIS A 75 -23.37 -17.91 22.99
C HIS A 75 -23.72 -19.29 22.45
N SER A 76 -23.13 -20.33 23.06
CA SER A 76 -23.46 -21.72 22.73
C SER A 76 -24.96 -21.94 22.64
N GLN A 77 -25.70 -21.55 23.68
CA GLN A 77 -27.13 -21.79 23.71
C GLN A 77 -27.86 -21.05 22.58
N THR A 78 -27.44 -19.82 22.30
CA THR A 78 -28.08 -19.06 21.22
C THR A 78 -27.98 -19.80 19.90
N HIS A 79 -26.78 -20.30 19.58
CA HIS A 79 -26.61 -21.00 18.30
C HIS A 79 -27.28 -22.36 18.29
N ARG A 80 -27.55 -22.94 19.47
CA ARG A 80 -28.37 -24.14 19.51
C ARG A 80 -29.80 -23.82 19.09
N VAL A 81 -30.34 -22.70 19.56
CA VAL A 81 -31.64 -22.25 19.09
C VAL A 81 -31.53 -21.81 17.63
N ASP A 82 -30.48 -21.06 17.29
CA ASP A 82 -30.32 -20.57 15.92
C ASP A 82 -30.30 -21.73 14.93
N LEU A 83 -29.52 -22.77 15.24
CA LEU A 83 -29.42 -23.90 14.31
C LEU A 83 -30.79 -24.53 14.07
N GLY A 84 -31.65 -24.56 15.08
CA GLY A 84 -32.99 -25.04 14.89
C GLY A 84 -33.86 -24.07 14.12
N THR A 85 -33.69 -22.77 14.37
CA THR A 85 -34.45 -21.75 13.65
C THR A 85 -34.10 -21.77 12.17
N LEU A 86 -32.81 -21.77 11.84
CA LEU A 86 -32.41 -21.73 10.43
C LEU A 86 -32.81 -23.00 9.70
N ARG A 87 -32.79 -24.15 10.38
CA ARG A 87 -33.24 -25.36 9.73
C ARG A 87 -34.75 -25.33 9.50
N GLY A 88 -35.48 -24.60 10.34
CA GLY A 88 -36.88 -24.33 10.04
C GLY A 88 -37.12 -23.17 9.10
N TYR A 89 -36.19 -22.22 9.03
CA TYR A 89 -36.33 -21.11 8.10
C TYR A 89 -36.20 -21.59 6.66
N TYR A 90 -35.16 -22.36 6.37
CA TYR A 90 -34.93 -22.89 5.04
C TYR A 90 -35.60 -24.22 4.79
N ASN A 91 -36.34 -24.75 5.77
CA ASN A 91 -37.12 -25.97 5.61
C ASN A 91 -36.20 -27.12 5.19
N GLN A 92 -35.43 -27.65 6.14
CA GLN A 92 -34.54 -28.77 5.87
C GLN A 92 -34.72 -29.83 6.95
N SER A 93 -34.43 -31.08 6.56
CA SER A 93 -34.66 -32.22 7.44
C SER A 93 -33.78 -32.17 8.68
N GLU A 94 -34.16 -32.97 9.67
CA GLU A 94 -33.36 -33.13 10.87
C GLU A 94 -32.05 -33.87 10.60
N ALA A 95 -31.99 -34.66 9.52
CA ALA A 95 -30.85 -35.53 9.25
C ALA A 95 -29.61 -34.77 8.81
N GLY A 96 -29.75 -33.53 8.36
CA GLY A 96 -28.61 -32.81 7.84
C GLY A 96 -27.76 -32.16 8.92
N SER A 97 -26.45 -32.13 8.67
CA SER A 97 -25.51 -31.42 9.53
C SER A 97 -25.27 -30.03 8.96
N HIS A 98 -25.54 -29.00 9.75
CA HIS A 98 -25.42 -27.62 9.31
C HIS A 98 -24.55 -26.82 10.27
N THR A 99 -24.03 -25.70 9.78
CA THR A 99 -23.04 -24.89 10.48
C THR A 99 -23.54 -23.46 10.62
N VAL A 100 -23.28 -22.88 11.79
CA VAL A 100 -23.56 -21.48 12.06
C VAL A 100 -22.26 -20.81 12.48
N GLN A 101 -21.91 -19.71 11.81
CA GLN A 101 -20.72 -18.96 12.16
C GLN A 101 -21.13 -17.54 12.51
N ARG A 102 -20.52 -17.00 13.56
CA ARG A 102 -20.74 -15.62 13.97
C ARG A 102 -19.40 -15.00 14.29
N MET A 103 -19.20 -13.77 13.87
CA MET A 103 -17.99 -13.04 14.21
C MET A 103 -18.34 -11.58 14.48
N TYR A 104 -17.75 -11.03 15.55
CA TYR A 104 -17.88 -9.62 15.85
C TYR A 104 -16.60 -9.12 16.48
N GLY A 105 -16.44 -7.80 16.49
CA GLY A 105 -15.26 -7.19 17.06
C GLY A 105 -15.19 -5.72 16.72
N CYS A 106 -14.05 -5.12 17.06
CA CYS A 106 -13.86 -3.68 16.92
C CYS A 106 -12.43 -3.37 16.53
N ASP A 107 -12.28 -2.32 15.72
CA ASP A 107 -10.97 -1.75 15.41
C ASP A 107 -10.85 -0.37 16.05
N VAL A 108 -9.62 0.01 16.39
CA VAL A 108 -9.30 1.33 16.89
C VAL A 108 -8.23 1.94 15.98
N GLY A 109 -8.25 3.26 15.88
CA GLY A 109 -7.22 3.97 15.14
C GLY A 109 -5.93 4.08 15.94
N SER A 110 -5.04 4.94 15.45
CA SER A 110 -3.77 5.16 16.14
C SER A 110 -3.97 5.67 17.56
N ASP A 111 -4.93 6.58 17.76
CA ASP A 111 -5.23 7.13 19.08
C ASP A 111 -5.83 6.13 20.06
N TRP A 112 -6.07 4.88 19.63
CA TRP A 112 -6.71 3.83 20.42
C TRP A 112 -8.16 4.13 20.74
N ARG A 113 -8.79 5.06 20.02
CA ARG A 113 -10.20 5.31 20.16
C ARG A 113 -10.96 4.59 19.06
N PHE A 114 -12.27 4.46 19.24
CA PHE A 114 -13.08 3.65 18.33
C PHE A 114 -12.95 4.12 16.89
N LEU A 115 -12.78 3.17 15.97
CA LEU A 115 -12.77 3.43 14.54
C LEU A 115 -13.90 2.70 13.82
N ARG A 116 -14.09 1.42 14.10
CA ARG A 116 -14.99 0.61 13.31
C ARG A 116 -15.48 -0.57 14.15
N GLY A 117 -16.71 -1.00 13.88
CA GLY A 117 -17.28 -2.14 14.55
C GLY A 117 -18.01 -3.02 13.55
N TYR A 118 -18.13 -4.30 13.90
CA TYR A 118 -18.73 -5.27 12.99
C TYR A 118 -19.27 -6.45 13.77
N HIS A 119 -20.31 -7.07 13.21
CA HIS A 119 -20.95 -8.25 13.83
C HIS A 119 -21.72 -8.96 12.72
N GLN A 120 -21.23 -10.13 12.31
CA GLN A 120 -21.76 -10.81 11.13
C GLN A 120 -22.03 -12.28 11.42
N TYR A 121 -23.06 -12.81 10.77
CA TYR A 121 -23.44 -14.21 10.86
C TYR A 121 -23.29 -14.89 9.51
N ALA A 122 -23.27 -16.22 9.55
CA ALA A 122 -23.28 -17.03 8.34
C ALA A 122 -23.92 -18.37 8.65
N TYR A 123 -24.66 -18.90 7.67
CA TYR A 123 -25.29 -20.21 7.78
C TYR A 123 -24.76 -21.07 6.63
N ASP A 124 -24.01 -22.13 6.99
CA ASP A 124 -23.47 -23.08 6.03
C ASP A 124 -22.48 -22.40 5.06
N GLY A 125 -21.76 -21.39 5.54
CA GLY A 125 -20.74 -20.72 4.77
C GLY A 125 -21.21 -19.49 4.02
N LYS A 126 -22.47 -19.47 3.61
CA LYS A 126 -23.07 -18.32 2.94
C LYS A 126 -23.33 -17.19 3.94
N ASP A 127 -22.99 -15.96 3.53
CA ASP A 127 -23.46 -14.76 4.22
C ASP A 127 -24.93 -14.88 4.58
N TYR A 128 -25.26 -14.58 5.83
CA TYR A 128 -26.66 -14.57 6.26
C TYR A 128 -27.10 -13.17 6.62
N ILE A 129 -26.79 -12.72 7.84
CA ILE A 129 -27.13 -11.38 8.32
C ILE A 129 -25.84 -10.69 8.75
N ALA A 130 -25.80 -9.38 8.56
CA ALA A 130 -24.65 -8.58 8.94
C ALA A 130 -25.11 -7.20 9.39
N LEU A 131 -24.53 -6.71 10.47
CA LEU A 131 -24.84 -5.37 10.95
C LEU A 131 -24.09 -4.33 10.13
N LYS A 132 -24.76 -3.23 9.79
CA LYS A 132 -24.19 -2.24 8.90
C LYS A 132 -23.06 -1.47 9.57
N GLU A 133 -22.41 -0.63 8.78
CA GLU A 133 -21.20 0.06 9.22
C GLU A 133 -21.52 1.18 10.21
N ASP A 134 -22.73 1.73 10.16
CA ASP A 134 -23.16 2.74 11.12
C ASP A 134 -23.61 2.15 12.44
N LEU A 135 -23.57 0.82 12.60
CA LEU A 135 -23.98 0.13 13.82
C LEU A 135 -25.43 0.44 14.19
N ARG A 136 -26.26 0.73 13.18
CA ARG A 136 -27.65 1.09 13.41
C ARG A 136 -28.65 0.32 12.55
N SER A 137 -28.20 -0.37 11.50
CA SER A 137 -29.10 -1.09 10.60
C SER A 137 -28.46 -2.42 10.23
N TRP A 138 -29.22 -3.25 9.50
CA TRP A 138 -28.75 -4.57 9.12
C TRP A 138 -28.85 -4.77 7.63
N THR A 139 -28.02 -5.69 7.13
CA THR A 139 -28.03 -6.13 5.75
C THR A 139 -28.45 -7.59 5.71
N ALA A 140 -29.53 -7.88 5.00
CA ALA A 140 -30.00 -9.25 4.83
C ALA A 140 -29.53 -9.77 3.48
N ALA A 141 -28.78 -10.86 3.49
CA ALA A 141 -28.31 -11.51 2.28
C ALA A 141 -29.35 -12.40 1.66
N ASP A 142 -30.46 -12.63 2.36
CA ASP A 142 -31.48 -13.58 1.94
C ASP A 142 -32.82 -13.11 2.49
N MET A 143 -33.90 -13.63 1.91
CA MET A 143 -35.22 -13.28 2.41
C MET A 143 -35.52 -13.95 3.74
N ALA A 144 -34.83 -15.04 4.05
CA ALA A 144 -34.94 -15.63 5.38
C ALA A 144 -34.21 -14.78 6.40
N ALA A 145 -32.99 -14.34 6.06
CA ALA A 145 -32.27 -13.41 6.92
C ALA A 145 -32.99 -12.08 7.06
N GLN A 146 -33.90 -11.75 6.15
CA GLN A 146 -34.68 -10.54 6.30
C GLN A 146 -35.70 -10.67 7.42
N THR A 147 -36.14 -11.88 7.73
CA THR A 147 -36.98 -12.09 8.90
C THR A 147 -36.22 -11.79 10.18
N THR A 148 -34.99 -12.28 10.29
CA THR A 148 -34.15 -11.93 11.43
C THR A 148 -33.89 -10.44 11.48
N LYS A 149 -33.69 -9.80 10.32
CA LYS A 149 -33.48 -8.36 10.29
C LYS A 149 -34.66 -7.63 10.92
N HIS A 150 -35.87 -8.07 10.61
CA HIS A 150 -37.05 -7.41 11.16
C HIS A 150 -37.19 -7.68 12.66
N LYS A 151 -36.94 -8.93 13.07
CA LYS A 151 -37.03 -9.26 14.50
C LYS A 151 -36.00 -8.47 15.30
N TRP A 152 -34.80 -8.30 14.76
CA TRP A 152 -33.73 -7.64 15.48
C TRP A 152 -33.89 -6.13 15.48
N GLU A 153 -34.42 -5.57 14.38
CA GLU A 153 -34.65 -4.12 14.35
C GLU A 153 -35.78 -3.73 15.29
N ALA A 154 -36.78 -4.60 15.46
CA ALA A 154 -37.86 -4.29 16.39
C ALA A 154 -37.41 -4.39 17.84
N ALA A 155 -36.63 -5.43 18.16
CA ALA A 155 -36.11 -5.61 19.51
C ALA A 155 -34.98 -4.64 19.84
N HIS A 156 -34.57 -3.79 18.90
CA HIS A 156 -33.49 -2.82 19.11
C HIS A 156 -32.18 -3.53 19.46
N VAL A 157 -31.89 -4.63 18.77
CA VAL A 157 -30.69 -5.40 19.04
C VAL A 157 -29.45 -4.58 18.74
N ALA A 158 -29.49 -3.77 17.68
CA ALA A 158 -28.31 -3.02 17.26
C ALA A 158 -27.87 -2.04 18.34
N GLU A 159 -28.81 -1.51 19.12
CA GLU A 159 -28.44 -0.56 20.17
C GLU A 159 -27.64 -1.25 21.28
N GLN A 160 -27.92 -2.52 21.54
CA GLN A 160 -27.15 -3.24 22.53
C GLN A 160 -25.78 -3.62 21.99
N LEU A 161 -25.73 -4.07 20.74
CA LEU A 161 -24.46 -4.43 20.12
C LEU A 161 -23.56 -3.20 19.97
N ARG A 162 -24.13 -2.05 19.59
CA ARG A 162 -23.34 -0.83 19.49
C ARG A 162 -22.76 -0.43 20.84
N ALA A 163 -23.51 -0.68 21.93
CA ALA A 163 -22.99 -0.41 23.26
C ALA A 163 -21.73 -1.23 23.54
N TYR A 164 -21.72 -2.48 23.11
CA TYR A 164 -20.55 -3.33 23.33
C TYR A 164 -19.40 -2.92 22.42
N LEU A 165 -19.68 -2.75 21.12
CA LEU A 165 -18.63 -2.45 20.15
C LEU A 165 -17.93 -1.14 20.46
N GLU A 166 -18.69 -0.08 20.71
CA GLU A 166 -18.09 1.21 21.03
C GLU A 166 -17.69 1.31 22.49
N GLY A 167 -18.11 0.38 23.34
CA GLY A 167 -17.80 0.45 24.75
C GLY A 167 -16.90 -0.67 25.22
N THR A 168 -17.50 -1.76 25.70
CA THR A 168 -16.72 -2.84 26.32
C THR A 168 -15.64 -3.37 25.39
N CYS A 169 -15.93 -3.45 24.09
CA CYS A 169 -14.93 -3.94 23.13
C CYS A 169 -13.70 -3.04 23.11
N VAL A 170 -13.90 -1.73 23.05
CA VAL A 170 -12.78 -0.80 22.89
C VAL A 170 -11.95 -0.72 24.17
N GLU A 171 -12.60 -0.51 25.31
CA GLU A 171 -11.86 -0.30 26.54
C GLU A 171 -11.09 -1.55 26.96
N TRP A 172 -11.67 -2.75 26.77
CA TRP A 172 -10.97 -3.96 27.17
C TRP A 172 -9.90 -4.36 26.17
N LEU A 173 -10.00 -3.96 24.90
CA LEU A 173 -8.90 -4.15 23.98
C LEU A 173 -7.73 -3.23 24.33
N ARG A 174 -8.03 -1.97 24.67
CA ARG A 174 -7.00 -1.06 25.15
C ARG A 174 -6.25 -1.66 26.33
N ARG A 175 -6.96 -2.35 27.21
CA ARG A 175 -6.32 -2.93 28.39
C ARG A 175 -5.50 -4.15 28.03
N TYR A 176 -5.96 -4.95 27.06
CA TYR A 176 -5.16 -6.07 26.59
C TYR A 176 -3.88 -5.58 25.93
N LEU A 177 -3.94 -4.44 25.23
CA LEU A 177 -2.76 -3.93 24.54
C LEU A 177 -1.64 -3.57 25.52
N GLU A 178 -1.98 -2.98 26.67
CA GLU A 178 -0.91 -2.66 27.63
C GLU A 178 -0.55 -3.90 28.45
N ASN A 179 -1.53 -4.77 28.75
CA ASN A 179 -1.20 -5.99 29.50
C ASN A 179 -0.27 -6.88 28.70
N GLY A 180 -0.32 -6.81 27.36
CA GLY A 180 0.56 -7.61 26.53
C GLY A 180 1.33 -6.77 25.53
N LYS A 181 1.93 -5.67 25.98
CA LYS A 181 2.65 -4.79 25.08
C LYS A 181 3.78 -5.53 24.37
N GLU A 182 4.49 -6.39 25.09
CA GLU A 182 5.65 -7.06 24.52
C GLU A 182 5.27 -7.99 23.38
N THR A 183 4.05 -8.53 23.39
CA THR A 183 3.58 -9.42 22.34
C THR A 183 2.68 -8.74 21.33
N LEU A 184 1.75 -7.89 21.77
CA LEU A 184 0.74 -7.34 20.89
C LEU A 184 1.19 -6.05 20.19
N GLN A 185 1.94 -5.21 20.89
CA GLN A 185 2.47 -3.98 20.32
C GLN A 185 3.84 -4.18 19.69
N ARG A 186 4.15 -5.39 19.27
CA ARG A 186 5.43 -5.73 18.67
C ARG A 186 5.33 -5.66 17.16
N THR A 187 6.48 -5.44 16.52
CA THR A 187 6.61 -5.62 15.08
C THR A 187 7.86 -6.45 14.81
N ASP A 188 7.67 -7.64 14.25
CA ASP A 188 8.77 -8.53 13.89
C ASP A 188 9.01 -8.40 12.39
N ALA A 189 10.16 -7.83 12.02
CA ALA A 189 10.52 -7.75 10.62
C ALA A 189 10.83 -9.15 10.08
N PRO A 190 10.43 -9.46 8.85
CA PRO A 190 10.59 -10.82 8.34
C PRO A 190 12.06 -11.15 8.10
N LYS A 191 12.47 -12.32 8.57
CA LYS A 191 13.74 -12.88 8.12
C LYS A 191 13.59 -13.35 6.69
N THR A 192 14.57 -13.02 5.84
CA THR A 192 14.46 -13.25 4.41
C THR A 192 15.68 -13.98 3.88
N HIS A 193 15.46 -14.91 2.97
CA HIS A 193 16.53 -15.58 2.24
C HIS A 193 15.98 -16.12 0.93
N MET A 194 16.88 -16.58 0.07
CA MET A 194 16.53 -17.08 -1.25
C MET A 194 17.17 -18.46 -1.46
N THR A 195 16.46 -19.31 -2.21
CA THR A 195 16.96 -20.61 -2.60
C THR A 195 16.91 -20.77 -4.11
N HIS A 196 17.62 -21.78 -4.61
CA HIS A 196 17.80 -21.98 -6.04
C HIS A 196 17.73 -23.47 -6.33
N HIS A 197 16.86 -23.85 -7.27
CA HIS A 197 16.64 -25.26 -7.60
C HIS A 197 16.62 -25.40 -9.11
N ALA A 198 17.61 -26.11 -9.65
CA ALA A 198 17.72 -26.30 -11.09
C ALA A 198 16.57 -27.20 -11.56
N VAL A 199 15.56 -26.60 -12.20
CA VAL A 199 14.47 -27.37 -12.78
C VAL A 199 15.00 -28.28 -13.89
N SER A 200 15.64 -27.69 -14.89
CA SER A 200 16.15 -28.45 -16.04
C SER A 200 17.45 -27.85 -16.53
N ASP A 201 17.65 -27.82 -17.85
CA ASP A 201 18.84 -27.24 -18.44
C ASP A 201 18.68 -25.76 -18.77
N HIS A 202 17.47 -25.32 -19.13
CA HIS A 202 17.23 -23.95 -19.56
C HIS A 202 16.41 -23.15 -18.55
N GLU A 203 16.09 -23.72 -17.40
CA GLU A 203 15.23 -23.04 -16.44
C GLU A 203 15.67 -23.40 -15.03
N ALA A 204 15.49 -22.46 -14.11
CA ALA A 204 15.73 -22.66 -12.69
C ALA A 204 14.66 -21.91 -11.91
N THR A 205 14.45 -22.31 -10.66
CA THR A 205 13.45 -21.71 -9.80
C THR A 205 14.13 -20.90 -8.70
N LEU A 206 13.66 -19.65 -8.53
CA LEU A 206 14.12 -18.77 -7.45
C LEU A 206 12.96 -18.58 -6.48
N ARG A 207 13.11 -19.10 -5.27
CA ARG A 207 12.07 -18.97 -4.26
C ARG A 207 12.47 -17.91 -3.25
N CYS A 208 11.58 -16.96 -2.99
CA CYS A 208 11.85 -15.84 -2.12
C CYS A 208 11.13 -16.04 -0.80
N TRP A 209 11.89 -16.15 0.29
CA TRP A 209 11.37 -16.53 1.60
C TRP A 209 11.20 -15.33 2.52
N ALA A 210 10.06 -15.29 3.21
CA ALA A 210 9.82 -14.34 4.29
C ALA A 210 9.34 -15.14 5.50
N LEU A 211 10.16 -15.19 6.54
CA LEU A 211 9.87 -16.00 7.71
C LEU A 211 9.89 -15.16 8.98
N SER A 212 9.14 -15.64 9.99
CA SER A 212 9.20 -15.14 11.37
C SER A 212 8.80 -13.66 11.47
N PHE A 213 7.70 -13.30 10.82
CA PHE A 213 7.21 -11.93 10.88
C PHE A 213 5.84 -11.86 11.53
N TYR A 214 5.53 -10.68 12.07
CA TYR A 214 4.26 -10.34 12.71
C TYR A 214 4.09 -8.84 12.60
N PRO A 215 2.90 -8.33 12.21
CA PRO A 215 1.68 -9.06 11.89
C PRO A 215 1.75 -9.86 10.58
N ALA A 216 0.66 -10.55 10.25
CA ALA A 216 0.66 -11.44 9.10
C ALA A 216 0.62 -10.70 7.78
N GLU A 217 0.21 -9.43 7.78
CA GLU A 217 0.10 -8.67 6.55
C GLU A 217 1.45 -8.55 5.87
N ILE A 218 1.54 -9.07 4.65
CA ILE A 218 2.81 -9.22 3.95
C ILE A 218 2.56 -9.15 2.45
N THR A 219 3.50 -8.55 1.73
CA THR A 219 3.47 -8.51 0.28
C THR A 219 4.84 -8.90 -0.27
N LEU A 220 4.89 -10.03 -0.98
CA LEU A 220 6.08 -10.40 -1.75
C LEU A 220 5.76 -10.35 -3.23
N THR A 221 6.70 -9.82 -3.99
CA THR A 221 6.53 -9.60 -5.42
C THR A 221 7.85 -9.88 -6.11
N TRP A 222 7.78 -10.56 -7.24
CA TRP A 222 8.95 -10.82 -8.07
C TRP A 222 8.95 -9.86 -9.25
N GLN A 223 10.13 -9.34 -9.57
CA GLN A 223 10.30 -8.42 -10.69
C GLN A 223 11.45 -8.91 -11.56
N ARG A 224 11.32 -8.67 -12.86
CA ARG A 224 12.45 -8.80 -13.77
C ARG A 224 12.66 -7.44 -14.41
N ASP A 225 13.87 -6.89 -14.28
CA ASP A 225 14.16 -5.52 -14.68
C ASP A 225 13.20 -4.52 -14.02
N GLY A 226 12.78 -4.82 -12.81
CA GLY A 226 11.87 -3.94 -12.10
C GLY A 226 10.42 -4.05 -12.52
N GLU A 227 10.08 -4.93 -13.46
CA GLU A 227 8.71 -5.07 -13.93
C GLU A 227 8.04 -6.20 -13.16
N ASP A 228 6.95 -5.87 -12.47
CA ASP A 228 6.21 -6.86 -11.69
C ASP A 228 5.75 -8.01 -12.57
N GLN A 229 6.04 -9.23 -12.12
CA GLN A 229 5.60 -10.43 -12.83
C GLN A 229 4.34 -10.97 -12.16
N THR A 230 3.26 -10.18 -12.26
CA THR A 230 2.01 -10.55 -11.61
C THR A 230 1.49 -11.89 -12.13
N GLN A 231 1.83 -12.23 -13.36
CA GLN A 231 1.65 -13.56 -13.91
C GLN A 231 3.01 -14.23 -14.01
N ASP A 232 3.00 -15.56 -14.13
CA ASP A 232 4.20 -16.40 -14.17
C ASP A 232 4.94 -16.43 -12.83
N THR A 233 4.28 -16.04 -11.74
CA THR A 233 4.82 -16.21 -10.40
C THR A 233 3.85 -17.01 -9.55
N GLU A 234 4.40 -17.83 -8.66
CA GLU A 234 3.62 -18.73 -7.82
C GLU A 234 3.70 -18.23 -6.38
N LEU A 235 2.54 -17.86 -5.83
CA LEU A 235 2.46 -17.31 -4.49
C LEU A 235 1.59 -18.21 -3.62
N VAL A 236 2.00 -18.38 -2.36
CA VAL A 236 1.33 -19.27 -1.41
C VAL A 236 0.70 -18.42 -0.32
N GLU A 237 -0.43 -18.88 0.20
CA GLU A 237 -1.16 -18.13 1.21
C GLU A 237 -0.33 -18.06 2.50
N THR A 238 -0.41 -16.90 3.17
CA THR A 238 0.36 -16.69 4.39
C THR A 238 -0.05 -17.72 5.44
N ARG A 239 0.92 -18.41 6.01
CA ARG A 239 0.69 -19.45 6.98
C ARG A 239 1.29 -19.15 8.27
N PRO A 240 0.74 -19.70 9.32
CA PRO A 240 1.31 -19.51 10.65
C PRO A 240 2.46 -20.48 10.93
N ALA A 241 3.54 -19.94 11.50
CA ALA A 241 4.66 -20.77 11.91
C ALA A 241 4.34 -21.59 13.15
N GLY A 242 3.33 -21.20 13.92
CA GLY A 242 2.99 -21.88 15.15
C GLY A 242 3.64 -21.31 16.39
N ASP A 243 4.62 -20.41 16.24
CA ASP A 243 5.28 -19.78 17.36
C ASP A 243 4.83 -18.36 17.60
N GLY A 244 3.75 -17.93 16.93
CA GLY A 244 3.29 -16.57 17.01
C GLY A 244 3.76 -15.69 15.87
N THR A 245 4.47 -16.25 14.89
CA THR A 245 4.91 -15.54 13.70
C THR A 245 4.37 -16.25 12.48
N PHE A 246 4.50 -15.59 11.32
CA PHE A 246 3.92 -16.09 10.09
C PHE A 246 4.99 -16.24 9.02
N GLN A 247 4.64 -16.99 7.97
CA GLN A 247 5.56 -17.31 6.89
C GLN A 247 4.87 -17.10 5.54
N LYS A 248 5.68 -16.82 4.53
CA LYS A 248 5.21 -16.74 3.15
C LYS A 248 6.42 -16.79 2.23
N TRP A 249 6.21 -17.36 1.04
CA TRP A 249 7.25 -17.33 0.01
C TRP A 249 6.60 -17.15 -1.36
N ALA A 250 7.45 -16.82 -2.34
CA ALA A 250 7.05 -16.69 -3.73
C ALA A 250 8.16 -17.24 -4.60
N ALA A 251 7.78 -17.84 -5.72
CA ALA A 251 8.73 -18.50 -6.61
C ALA A 251 8.50 -18.06 -8.04
N VAL A 252 9.58 -18.02 -8.81
CA VAL A 252 9.54 -17.71 -10.24
C VAL A 252 10.60 -18.55 -10.92
N VAL A 253 10.34 -18.91 -12.18
CA VAL A 253 11.19 -19.78 -12.96
C VAL A 253 12.00 -18.90 -13.93
N VAL A 254 13.31 -18.85 -13.73
CA VAL A 254 14.15 -17.96 -14.52
C VAL A 254 14.95 -18.74 -15.57
N PRO A 255 15.20 -18.16 -16.75
CA PRO A 255 16.14 -18.79 -17.69
C PRO A 255 17.56 -18.72 -17.16
N SER A 256 18.31 -19.81 -17.34
CA SER A 256 19.65 -19.88 -16.79
C SER A 256 20.53 -18.80 -17.40
N GLY A 257 21.24 -18.07 -16.53
CA GLY A 257 22.04 -16.94 -16.94
C GLY A 257 21.33 -15.60 -16.88
N GLN A 258 20.06 -15.57 -16.47
CA GLN A 258 19.29 -14.34 -16.37
C GLN A 258 18.82 -14.08 -14.94
N GLU A 259 19.53 -14.64 -13.96
CA GLU A 259 19.13 -14.47 -12.57
C GLU A 259 19.29 -13.02 -12.12
N GLN A 260 20.46 -12.43 -12.41
CA GLN A 260 20.76 -11.04 -12.07
C GLN A 260 19.66 -10.07 -12.50
N ARG A 261 18.92 -10.37 -13.56
CA ARG A 261 17.85 -9.49 -14.01
C ARG A 261 16.62 -9.55 -13.11
N TYR A 262 16.62 -10.36 -12.06
CA TYR A 262 15.43 -10.64 -11.27
C TYR A 262 15.62 -10.15 -9.83
N THR A 263 14.55 -9.58 -9.29
CA THR A 263 14.55 -9.02 -7.94
C THR A 263 13.27 -9.44 -7.23
N CYS A 264 13.40 -9.91 -6.00
CA CYS A 264 12.27 -10.11 -5.12
C CYS A 264 12.19 -8.97 -4.12
N HIS A 265 10.97 -8.59 -3.74
CA HIS A 265 10.76 -7.47 -2.83
C HIS A 265 9.78 -7.86 -1.73
N VAL A 266 10.13 -7.51 -0.49
CA VAL A 266 9.31 -7.79 0.68
C VAL A 266 8.81 -6.47 1.24
N GLN A 267 7.50 -6.36 1.43
CA GLN A 267 6.89 -5.18 2.05
C GLN A 267 6.17 -5.62 3.31
N HIS A 268 6.50 -4.98 4.43
CA HIS A 268 5.94 -5.35 5.72
C HIS A 268 5.84 -4.09 6.57
N GLU A 269 5.06 -4.18 7.65
CA GLU A 269 4.92 -3.08 8.58
C GLU A 269 6.28 -2.63 9.12
N GLY A 270 7.16 -3.58 9.42
CA GLY A 270 8.47 -3.28 9.96
C GLY A 270 9.53 -2.93 8.94
N LEU A 271 9.16 -2.72 7.68
CA LEU A 271 10.08 -2.26 6.65
C LEU A 271 9.57 -0.95 6.07
N PRO A 272 10.20 0.19 6.41
CA PRO A 272 9.68 1.48 5.89
C PRO A 272 9.72 1.57 4.39
N LYS A 273 10.72 0.97 3.75
CA LYS A 273 10.83 0.90 2.30
C LYS A 273 10.97 -0.57 1.89
N PRO A 274 10.46 -0.92 0.71
CA PRO A 274 10.52 -2.32 0.28
C PRO A 274 11.96 -2.84 0.29
N LEU A 275 12.12 -4.04 0.84
CA LEU A 275 13.43 -4.68 0.95
C LEU A 275 13.69 -5.53 -0.29
N THR A 276 14.84 -5.32 -0.92
CA THR A 276 15.18 -5.98 -2.18
C THR A 276 16.01 -7.22 -1.89
N LEU A 277 15.68 -8.30 -2.59
CA LEU A 277 16.36 -9.57 -2.43
C LEU A 277 16.87 -10.03 -3.78
N ARG A 278 18.15 -10.40 -3.84
CA ARG A 278 18.79 -10.82 -5.07
C ARG A 278 19.24 -12.27 -4.92
N TRP A 279 19.77 -12.84 -6.00
CA TRP A 279 20.39 -14.16 -5.97
C TRP A 279 21.89 -13.96 -5.98
N GLU A 280 22.54 -14.25 -4.85
CA GLU A 280 23.99 -14.08 -4.71
C GLU A 280 24.53 -15.18 -3.81
N PRO A 281 25.12 -16.23 -4.39
CA PRO A 281 25.72 -17.31 -3.60
C PRO A 281 27.11 -16.96 -3.09
N MET B 5 -26.35 -25.94 -0.32
CA MET B 5 -25.11 -26.65 0.02
C MET B 5 -23.94 -26.11 -0.78
N ILE B 6 -22.96 -25.53 -0.09
CA ILE B 6 -21.68 -25.18 -0.72
C ILE B 6 -20.58 -25.94 0.01
N GLN B 7 -19.58 -26.37 -0.74
CA GLN B 7 -18.47 -27.13 -0.19
C GLN B 7 -17.20 -26.71 -0.93
N ARG B 8 -16.11 -26.56 -0.18
CA ARG B 8 -14.88 -26.02 -0.74
C ARG B 8 -13.71 -26.91 -0.31
N THR B 9 -12.81 -27.16 -1.26
CA THR B 9 -11.68 -28.06 -1.04
C THR B 9 -10.62 -27.36 -0.19
N PRO B 10 -9.99 -28.07 0.75
CA PRO B 10 -8.99 -27.44 1.60
C PRO B 10 -7.66 -27.26 0.87
N LYS B 11 -7.09 -26.07 1.01
CA LYS B 11 -5.73 -25.81 0.53
C LYS B 11 -4.74 -26.33 1.57
N ILE B 12 -3.93 -27.31 1.18
CA ILE B 12 -2.99 -27.96 2.09
C ILE B 12 -1.58 -27.49 1.78
N GLN B 13 -0.81 -27.20 2.82
CA GLN B 13 0.62 -26.96 2.67
C GLN B 13 1.31 -27.38 3.97
N VAL B 14 2.26 -28.32 3.83
CA VAL B 14 2.99 -28.86 4.96
C VAL B 14 4.40 -28.27 4.97
N TYR B 15 4.91 -27.98 6.17
CA TYR B 15 6.15 -27.23 6.29
C TYR B 15 6.63 -27.26 7.73
N SER B 16 7.86 -26.80 7.94
CA SER B 16 8.47 -26.71 9.25
C SER B 16 8.45 -25.27 9.76
N ARG B 17 8.47 -25.13 11.09
CA ARG B 17 8.42 -23.80 11.71
C ARG B 17 9.69 -23.02 11.44
N HIS B 18 10.84 -23.66 11.60
CA HIS B 18 12.13 -23.07 11.27
C HIS B 18 12.74 -23.80 10.09
N PRO B 19 13.70 -23.18 9.40
CA PRO B 19 14.40 -23.89 8.33
C PRO B 19 14.98 -25.20 8.85
N ALA B 20 14.91 -26.23 8.03
CA ALA B 20 15.28 -27.58 8.48
C ALA B 20 16.78 -27.68 8.66
N GLU B 21 17.19 -28.23 9.81
CA GLU B 21 18.59 -28.52 10.08
C GLU B 21 18.67 -29.89 10.72
N ASN B 22 19.39 -30.81 10.09
CA ASN B 22 19.43 -32.19 10.54
C ASN B 22 20.02 -32.29 11.93
N GLY B 23 19.27 -32.94 12.84
CA GLY B 23 19.66 -33.12 14.21
C GLY B 23 18.98 -32.17 15.19
N LYS B 24 18.60 -30.98 14.73
CA LYS B 24 17.92 -30.02 15.61
C LYS B 24 16.43 -30.31 15.66
N SER B 25 15.86 -30.29 16.86
CA SER B 25 14.42 -30.38 17.00
C SER B 25 13.74 -29.20 16.31
N ASN B 26 12.50 -29.43 15.89
CA ASN B 26 11.73 -28.46 15.11
C ASN B 26 10.26 -28.79 15.31
N PHE B 27 9.41 -28.15 14.52
CA PHE B 27 7.97 -28.41 14.52
C PHE B 27 7.51 -28.59 13.08
N LEU B 28 6.86 -29.72 12.81
CA LEU B 28 6.33 -30.00 11.48
C LEU B 28 4.87 -29.61 11.45
N ASN B 29 4.51 -28.74 10.52
CA ASN B 29 3.19 -28.13 10.46
C ASN B 29 2.47 -28.58 9.19
N CYS B 30 1.19 -28.94 9.34
CA CYS B 30 0.28 -29.08 8.21
C CYS B 30 -0.83 -28.05 8.38
N TYR B 31 -0.95 -27.14 7.42
CA TYR B 31 -1.90 -26.04 7.50
C TYR B 31 -2.97 -26.24 6.42
N VAL B 32 -4.19 -26.56 6.86
CA VAL B 32 -5.34 -26.70 5.98
C VAL B 32 -6.19 -25.45 6.11
N SER B 33 -6.54 -24.85 4.98
CA SER B 33 -7.36 -23.64 4.98
C SER B 33 -8.30 -23.65 3.79
N GLY B 34 -9.28 -22.74 3.83
CA GLY B 34 -10.17 -22.53 2.70
C GLY B 34 -11.21 -23.59 2.46
N PHE B 35 -11.58 -24.36 3.47
CA PHE B 35 -12.51 -25.48 3.30
C PHE B 35 -13.81 -25.22 4.05
N HIS B 36 -14.82 -26.05 3.72
CA HIS B 36 -16.16 -26.01 4.27
C HIS B 36 -16.93 -27.26 3.84
N PRO B 37 -17.61 -27.98 4.76
CA PRO B 37 -17.73 -27.63 6.17
C PRO B 37 -16.48 -27.92 7.00
N SER B 38 -16.63 -27.85 8.32
CA SER B 38 -15.47 -27.90 9.22
C SER B 38 -14.91 -29.31 9.42
N ASP B 39 -15.74 -30.35 9.25
CA ASP B 39 -15.29 -31.71 9.49
C ASP B 39 -14.17 -32.10 8.53
N ILE B 40 -12.94 -32.19 9.05
CA ILE B 40 -11.76 -32.52 8.27
C ILE B 40 -10.92 -33.52 9.04
N GLU B 41 -10.19 -34.36 8.31
CA GLU B 41 -9.34 -35.40 8.88
C GLU B 41 -7.92 -35.19 8.39
N VAL B 42 -6.98 -35.02 9.32
CA VAL B 42 -5.62 -34.61 9.00
C VAL B 42 -4.68 -35.38 9.93
N ASP B 43 -3.63 -35.95 9.34
CA ASP B 43 -2.58 -36.61 10.09
C ASP B 43 -1.23 -36.18 9.54
N LEU B 44 -0.20 -36.41 10.33
CA LEU B 44 1.17 -36.19 9.92
C LEU B 44 1.88 -37.54 9.87
N LEU B 45 2.65 -37.75 8.81
CA LEU B 45 3.23 -39.06 8.55
C LEU B 45 4.74 -38.98 8.67
N LYS B 46 5.34 -40.00 9.28
CA LYS B 46 6.79 -40.20 9.30
C LYS B 46 7.06 -41.52 8.57
N ASN B 47 7.68 -41.40 7.39
CA ASN B 47 7.81 -42.51 6.44
C ASN B 47 6.48 -43.23 6.25
N GLY B 48 5.43 -42.44 6.00
CA GLY B 48 4.15 -42.93 5.53
C GLY B 48 3.20 -43.46 6.57
N GLU B 49 3.56 -43.43 7.85
CA GLU B 49 2.65 -43.89 8.89
C GLU B 49 2.48 -42.79 9.94
N ARG B 50 1.32 -42.82 10.59
CA ARG B 50 0.85 -41.70 11.41
C ARG B 50 1.77 -41.38 12.59
N ILE B 51 1.97 -40.08 12.84
CA ILE B 51 2.56 -39.60 14.09
C ILE B 51 1.47 -39.51 15.14
N GLU B 52 1.81 -39.74 16.40
CA GLU B 52 0.80 -40.00 17.41
C GLU B 52 0.70 -38.97 18.53
N LYS B 53 1.46 -37.87 18.48
CA LYS B 53 1.17 -36.71 19.33
C LYS B 53 1.05 -35.50 18.41
N VAL B 54 -0.09 -35.37 17.75
CA VAL B 54 -0.36 -34.25 16.85
C VAL B 54 -1.40 -33.36 17.52
N GLU B 55 -1.08 -32.07 17.63
CA GLU B 55 -2.02 -31.07 18.11
C GLU B 55 -2.49 -30.20 16.94
N HIS B 56 -3.56 -29.47 17.18
CA HIS B 56 -4.13 -28.60 16.17
C HIS B 56 -4.66 -27.35 16.82
N SER B 57 -4.68 -26.27 16.03
CA SER B 57 -5.24 -25.00 16.48
C SER B 57 -6.70 -25.16 16.85
N ASP B 58 -7.24 -24.12 17.48
CA ASP B 58 -8.67 -24.04 17.69
C ASP B 58 -9.31 -23.46 16.44
N LEU B 59 -10.43 -24.05 16.04
CA LEU B 59 -11.02 -23.76 14.73
C LEU B 59 -11.37 -22.29 14.61
N SER B 60 -11.16 -21.75 13.41
CA SER B 60 -11.44 -20.35 13.12
C SER B 60 -11.72 -20.24 11.62
N PHE B 61 -12.10 -19.04 11.17
CA PHE B 61 -12.43 -18.84 9.76
C PHE B 61 -11.99 -17.46 9.31
N SER B 62 -12.14 -17.20 8.01
CA SER B 62 -11.71 -15.98 7.35
C SER B 62 -12.92 -15.15 6.93
N LYS B 63 -12.69 -14.06 6.19
CA LYS B 63 -13.79 -13.21 5.75
C LYS B 63 -14.76 -13.93 4.80
N ASP B 64 -14.29 -14.91 4.05
CA ASP B 64 -15.17 -15.67 3.19
C ASP B 64 -15.78 -16.87 3.89
N TRP B 65 -15.67 -16.94 5.21
CA TRP B 65 -16.21 -17.99 6.08
C TRP B 65 -15.50 -19.31 5.90
N SER B 66 -14.49 -19.40 5.02
CA SER B 66 -13.68 -20.60 4.89
C SER B 66 -12.94 -20.89 6.19
N PHE B 67 -12.86 -22.16 6.55
CA PHE B 67 -12.19 -22.58 7.78
C PHE B 67 -10.70 -22.79 7.56
N TYR B 68 -9.95 -22.66 8.66
CA TYR B 68 -8.53 -22.98 8.65
C TYR B 68 -8.11 -23.58 9.99
N LEU B 69 -7.22 -24.57 9.92
CA LEU B 69 -6.59 -25.14 11.10
C LEU B 69 -5.13 -25.43 10.78
N LEU B 70 -4.32 -25.47 11.83
CA LEU B 70 -2.92 -25.81 11.71
C LEU B 70 -2.67 -27.04 12.58
N TYR B 71 -2.36 -28.16 11.95
CA TYR B 71 -1.94 -29.35 12.67
C TYR B 71 -0.42 -29.34 12.74
N TYR B 72 0.12 -29.71 13.89
CA TYR B 72 1.54 -29.60 14.13
C TYR B 72 1.96 -30.63 15.16
N THR B 73 3.11 -31.26 14.91
CA THR B 73 3.71 -32.15 15.88
C THR B 73 5.16 -31.68 16.01
N GLU B 74 5.97 -32.40 16.76
CA GLU B 74 7.35 -31.99 16.96
C GLU B 74 8.26 -33.13 16.53
N PHE B 75 9.34 -32.77 15.84
CA PHE B 75 10.11 -33.73 15.09
C PHE B 75 11.53 -33.23 14.92
N THR B 76 12.42 -34.15 14.56
CA THR B 76 13.81 -33.83 14.28
C THR B 76 14.13 -34.33 12.88
N PRO B 77 14.27 -33.44 11.89
CA PRO B 77 14.54 -33.90 10.54
C PRO B 77 15.92 -34.53 10.42
N THR B 78 16.01 -35.55 9.59
CA THR B 78 17.28 -36.16 9.22
C THR B 78 17.40 -36.15 7.69
N GLU B 79 18.38 -36.88 7.17
CA GLU B 79 18.69 -36.73 5.75
C GLU B 79 17.74 -37.53 4.86
N LYS B 80 17.24 -38.69 5.34
CA LYS B 80 16.36 -39.49 4.50
C LYS B 80 15.18 -40.04 5.29
N ASP B 81 14.68 -39.29 6.26
CA ASP B 81 13.34 -39.53 6.79
C ASP B 81 12.34 -38.69 6.00
N GLU B 82 11.31 -39.34 5.47
CA GLU B 82 10.30 -38.68 4.64
C GLU B 82 9.07 -38.36 5.48
N TYR B 83 8.71 -37.08 5.53
CA TYR B 83 7.54 -36.61 6.25
C TYR B 83 6.49 -36.13 5.26
N ALA B 84 5.22 -36.27 5.65
CA ALA B 84 4.11 -35.92 4.77
C ALA B 84 2.89 -35.58 5.61
N CYS B 85 1.88 -35.01 4.95
CA CYS B 85 0.61 -34.71 5.59
C CYS B 85 -0.53 -35.32 4.78
N ARG B 86 -1.37 -36.11 5.45
CA ARG B 86 -2.53 -36.75 4.84
C ARG B 86 -3.80 -36.02 5.27
N VAL B 87 -4.61 -35.63 4.30
CA VAL B 87 -5.79 -34.81 4.54
C VAL B 87 -7.00 -35.45 3.84
N ASN B 88 -8.11 -35.57 4.56
CA ASN B 88 -9.35 -36.09 4.00
C ASN B 88 -10.49 -35.12 4.31
N HIS B 89 -11.45 -35.07 3.39
CA HIS B 89 -12.56 -34.12 3.48
C HIS B 89 -13.71 -34.68 2.66
N VAL B 90 -14.89 -34.07 2.83
CA VAL B 90 -16.02 -34.39 1.96
C VAL B 90 -15.67 -34.15 0.50
N THR B 91 -15.01 -33.02 0.21
CA THR B 91 -14.69 -32.65 -1.16
C THR B 91 -13.60 -33.52 -1.79
N LEU B 92 -12.97 -34.42 -1.02
CA LEU B 92 -11.92 -35.29 -1.53
C LEU B 92 -12.43 -36.71 -1.63
N SER B 93 -12.30 -37.30 -2.82
CA SER B 93 -12.74 -38.68 -3.03
C SER B 93 -11.81 -39.67 -2.34
N GLN B 94 -10.53 -39.34 -2.25
CA GLN B 94 -9.53 -40.15 -1.58
C GLN B 94 -8.62 -39.24 -0.81
N PRO B 95 -7.96 -39.74 0.25
CA PRO B 95 -7.15 -38.87 1.10
C PRO B 95 -5.95 -38.33 0.31
N LYS B 96 -5.76 -37.03 0.35
CA LYS B 96 -4.68 -36.39 -0.38
C LYS B 96 -3.44 -36.32 0.51
N ILE B 97 -2.33 -36.87 0.01
CA ILE B 97 -1.06 -36.88 0.72
C ILE B 97 -0.13 -35.89 0.06
N VAL B 98 0.36 -34.93 0.84
CA VAL B 98 1.28 -33.89 0.38
C VAL B 98 2.61 -34.08 1.11
N LYS B 99 3.67 -34.35 0.35
CA LYS B 99 4.97 -34.66 0.95
C LYS B 99 5.70 -33.38 1.37
N TRP B 100 6.51 -33.51 2.42
CA TRP B 100 7.23 -32.36 2.95
C TRP B 100 8.50 -32.13 2.16
N ASP B 101 8.75 -30.88 1.77
CA ASP B 101 9.92 -30.51 1.00
C ASP B 101 10.63 -29.37 1.72
N ARG B 102 11.87 -29.62 2.16
CA ARG B 102 12.61 -28.61 2.91
C ARG B 102 12.77 -27.30 2.14
N ASP B 103 12.56 -27.32 0.82
CA ASP B 103 12.56 -26.12 -0.01
C ASP B 103 11.18 -25.73 -0.50
N MET B 104 10.15 -26.51 -0.18
CA MET B 104 8.79 -26.35 -0.70
C MET B 104 8.79 -26.43 -2.23
N LYS C 1 -12.71 -9.07 26.04
CA LYS C 1 -13.83 -9.72 26.70
C LYS C 1 -15.03 -9.81 25.76
N ILE C 2 -15.72 -10.95 25.74
CA ILE C 2 -16.85 -11.17 24.85
C ILE C 2 -18.08 -10.42 25.32
N ALA C 3 -19.06 -10.28 24.43
CA ALA C 3 -20.26 -9.52 24.73
C ALA C 3 -21.15 -10.28 25.70
N ASP C 4 -21.87 -9.52 26.52
CA ASP C 4 -22.72 -10.09 27.56
C ASP C 4 -24.10 -10.47 27.05
N TYR C 5 -24.51 -9.95 25.91
CA TYR C 5 -25.90 -10.00 25.49
C TYR C 5 -26.02 -10.77 24.18
N ASN C 6 -26.90 -11.77 24.16
CA ASN C 6 -27.13 -12.59 23.00
C ASN C 6 -28.60 -12.55 22.60
N TYR C 7 -28.84 -12.62 21.29
CA TYR C 7 -30.19 -12.57 20.76
C TYR C 7 -30.33 -13.61 19.65
N LYS C 8 -31.52 -14.16 19.52
CA LYS C 8 -31.80 -15.28 18.65
C LYS C 8 -32.42 -14.83 17.33
N LEU C 9 -32.23 -15.64 16.30
CA LEU C 9 -32.64 -15.29 14.95
C LEU C 9 -34.14 -15.54 14.75
N ASN D 2 3.76 1.44 -12.27
CA ASN D 2 2.79 0.66 -11.53
C ASN D 2 3.46 -0.45 -10.74
N SER D 3 4.75 -0.65 -11.01
CA SER D 3 5.53 -1.68 -10.35
C SER D 3 5.98 -1.20 -8.97
N VAL D 4 6.65 -2.08 -8.23
CA VAL D 4 7.07 -1.75 -6.88
C VAL D 4 8.09 -0.61 -6.93
N ASP D 5 8.05 0.24 -5.92
CA ASP D 5 8.97 1.38 -5.86
C ASP D 5 10.39 0.91 -5.55
N GLY D 6 11.36 1.62 -6.10
CA GLY D 6 12.73 1.47 -5.69
C GLY D 6 13.06 2.34 -4.50
N SER D 7 14.10 1.94 -3.76
CA SER D 7 14.48 2.71 -2.58
C SER D 7 14.93 4.11 -2.95
N HIS D 8 15.60 4.27 -4.09
CA HIS D 8 16.06 5.59 -4.51
C HIS D 8 16.08 5.66 -6.02
N SER D 9 16.08 6.89 -6.53
CA SER D 9 16.03 7.12 -7.97
C SER D 9 16.74 8.42 -8.28
N MET D 10 17.44 8.44 -9.41
CA MET D 10 17.94 9.67 -10.01
C MET D 10 17.29 9.83 -11.37
N ARG D 11 16.70 11.00 -11.62
CA ARG D 11 15.94 11.24 -12.83
C ARG D 11 16.32 12.61 -13.40
N TYR D 12 16.45 12.67 -14.72
CA TYR D 12 16.76 13.91 -15.41
C TYR D 12 15.63 14.26 -16.38
N PHE D 13 15.23 15.52 -16.38
CA PHE D 13 14.11 15.99 -17.19
C PHE D 13 14.60 17.09 -18.13
N PHE D 14 14.30 16.95 -19.42
CA PHE D 14 14.76 17.89 -20.43
C PHE D 14 13.57 18.37 -21.26
N THR D 15 13.49 19.68 -21.47
CA THR D 15 12.42 20.29 -22.24
C THR D 15 13.01 21.26 -23.25
N SER D 16 12.65 21.08 -24.53
CA SER D 16 12.99 22.01 -25.59
C SER D 16 11.70 22.56 -26.19
N VAL D 17 11.64 23.87 -26.32
CA VAL D 17 10.50 24.49 -26.92
C VAL D 17 10.91 25.26 -28.14
N SER D 18 10.07 25.13 -29.14
CA SER D 18 10.26 25.79 -30.36
C SER D 18 9.77 27.20 -30.17
N ARG D 19 10.68 28.16 -30.19
CA ARG D 19 10.25 29.55 -30.10
C ARG D 19 10.32 29.84 -31.58
N PRO D 20 9.19 30.06 -32.25
CA PRO D 20 9.32 30.23 -33.69
C PRO D 20 9.63 31.67 -33.98
N GLY D 21 10.66 31.88 -34.74
CA GLY D 21 11.05 33.23 -35.09
C GLY D 21 12.52 33.21 -35.30
N ARG D 22 13.23 33.76 -34.34
CA ARG D 22 14.66 33.78 -34.46
C ARG D 22 15.20 33.22 -33.19
N GLY D 23 16.50 32.93 -33.26
CA GLY D 23 17.25 32.38 -32.15
C GLY D 23 17.17 30.89 -32.05
N GLU D 24 17.65 30.43 -30.93
CA GLU D 24 17.64 29.00 -30.61
C GLU D 24 16.50 28.67 -29.65
N PRO D 25 15.90 27.48 -29.79
CA PRO D 25 14.80 27.09 -28.90
C PRO D 25 15.25 27.06 -27.44
N ARG D 26 14.28 27.19 -26.55
CA ARG D 26 14.57 27.26 -25.12
C ARG D 26 14.78 25.84 -24.58
N PHE D 27 15.82 25.67 -23.76
CA PHE D 27 16.19 24.37 -23.23
C PHE D 27 16.34 24.50 -21.72
N ILE D 28 15.59 23.69 -20.98
CA ILE D 28 15.64 23.68 -19.52
C ILE D 28 15.98 22.26 -19.09
N ALA D 29 16.95 22.13 -18.20
CA ALA D 29 17.36 20.84 -17.65
C ALA D 29 17.25 20.87 -16.13
N VAL D 30 16.71 19.80 -15.56
CA VAL D 30 16.57 19.66 -14.12
C VAL D 30 16.93 18.22 -13.74
N GLY D 31 17.67 18.08 -12.65
CA GLY D 31 18.05 16.78 -12.14
C GLY D 31 17.50 16.56 -10.76
N TYR D 32 16.96 15.36 -10.53
CA TYR D 32 16.35 14.98 -9.27
C TYR D 32 17.01 13.73 -8.72
N VAL D 33 17.14 13.68 -7.40
CA VAL D 33 17.34 12.44 -6.67
C VAL D 33 16.11 12.26 -5.79
N ASP D 34 15.29 11.25 -6.11
CA ASP D 34 13.94 11.18 -5.59
C ASP D 34 13.20 12.49 -5.78
N ASP D 35 12.83 13.15 -4.68
CA ASP D 35 12.02 14.37 -4.74
C ASP D 35 12.80 15.64 -4.40
N THR D 36 14.10 15.69 -4.67
CA THR D 36 14.89 16.90 -4.43
C THR D 36 15.75 17.22 -5.64
N GLN D 37 15.58 18.42 -6.18
CA GLN D 37 16.39 18.90 -7.29
C GLN D 37 17.81 19.23 -6.81
N PHE D 38 18.80 18.88 -7.62
CA PHE D 38 20.18 19.20 -7.32
C PHE D 38 20.91 19.97 -8.41
N VAL D 39 20.56 19.78 -9.69
CA VAL D 39 21.22 20.46 -10.79
C VAL D 39 20.17 21.17 -11.63
N ARG D 40 20.57 22.27 -12.25
CA ARG D 40 19.71 22.99 -13.19
C ARG D 40 20.54 23.51 -14.35
N PHE D 41 19.92 23.58 -15.53
CA PHE D 41 20.47 24.28 -16.68
C PHE D 41 19.36 25.01 -17.41
N ASP D 42 19.56 26.31 -17.63
CA ASP D 42 18.62 27.14 -18.38
C ASP D 42 19.35 27.76 -19.56
N SER D 43 18.84 27.53 -20.76
CA SER D 43 19.43 28.11 -21.96
C SER D 43 19.31 29.64 -21.98
N ASP D 44 18.26 30.17 -21.36
CA ASP D 44 18.06 31.62 -21.31
C ASP D 44 18.89 32.29 -20.22
N ALA D 45 19.40 31.51 -19.26
CA ALA D 45 20.21 32.09 -18.19
C ALA D 45 21.58 32.51 -18.72
N ALA D 46 22.24 33.38 -17.95
CA ALA D 46 23.52 33.95 -18.37
C ALA D 46 24.71 33.09 -18.01
N SER D 47 24.54 32.12 -17.10
CA SER D 47 25.67 31.28 -16.71
C SER D 47 26.15 30.42 -17.88
N GLN D 48 25.23 29.87 -18.65
CA GLN D 48 25.52 28.91 -19.71
C GLN D 48 26.29 27.70 -19.17
N ARG D 49 26.01 27.35 -17.92
CA ARG D 49 26.58 26.17 -17.30
C ARG D 49 25.50 25.51 -16.45
N MET D 50 25.71 24.24 -16.14
CA MET D 50 24.81 23.56 -15.22
C MET D 50 25.12 24.01 -13.81
N GLU D 51 24.09 24.37 -13.08
CA GLU D 51 24.26 25.00 -11.78
C GLU D 51 23.73 24.10 -10.67
N PRO D 52 24.32 24.14 -9.49
CA PRO D 52 23.80 23.35 -8.38
C PRO D 52 22.54 23.97 -7.80
N ARG D 53 21.61 23.10 -7.40
CA ARG D 53 20.41 23.51 -6.67
C ARG D 53 20.20 22.64 -5.43
N ALA D 54 21.29 22.13 -4.87
CA ALA D 54 21.29 21.41 -3.61
C ALA D 54 22.64 21.65 -2.96
N PRO D 55 22.69 21.79 -1.63
CA PRO D 55 23.97 22.13 -0.99
C PRO D 55 24.97 21.00 -1.05
N TRP D 56 24.53 19.74 -1.11
CA TRP D 56 25.44 18.61 -1.04
C TRP D 56 26.17 18.35 -2.36
N ILE D 57 25.73 18.93 -3.48
CA ILE D 57 26.42 18.72 -4.75
C ILE D 57 27.38 19.84 -5.08
N GLU D 58 27.36 20.96 -4.35
CA GLU D 58 28.32 22.03 -4.59
C GLU D 58 29.74 21.58 -4.28
N GLN D 59 29.91 20.51 -3.49
CA GLN D 59 31.22 19.95 -3.21
C GLN D 59 32.01 19.66 -4.48
N GLU D 60 31.34 18.89 -5.33
CA GLU D 60 31.85 18.37 -6.57
C GLU D 60 32.67 19.44 -7.18
N GLY D 61 33.76 19.03 -7.79
CA GLY D 61 34.66 19.99 -8.35
C GLY D 61 34.67 20.36 -9.79
N PRO D 62 35.69 21.23 -10.07
CA PRO D 62 35.78 21.68 -11.46
C PRO D 62 35.64 20.63 -12.53
N GLU D 63 36.33 19.50 -12.48
CA GLU D 63 36.17 18.53 -13.54
C GLU D 63 34.71 18.23 -13.82
N TYR D 64 33.97 17.92 -12.76
CA TYR D 64 32.55 17.62 -12.81
C TYR D 64 31.73 18.68 -13.45
N TRP D 65 31.73 19.88 -12.88
CA TRP D 65 30.90 20.95 -13.44
C TRP D 65 31.27 21.21 -14.89
N ASP D 66 32.56 21.26 -15.21
CA ASP D 66 32.97 21.37 -16.60
C ASP D 66 32.39 20.23 -17.44
N GLY D 67 32.40 19.02 -16.90
CA GLY D 67 31.86 17.89 -17.64
C GLY D 67 30.36 17.99 -17.87
N GLU D 68 29.60 18.31 -16.81
CA GLU D 68 28.15 18.37 -16.92
C GLU D 68 27.69 19.44 -17.91
N THR D 69 28.33 20.62 -17.91
CA THR D 69 27.92 21.66 -18.83
C THR D 69 28.22 21.29 -20.27
N ARG D 70 29.31 20.54 -20.51
CA ARG D 70 29.60 20.11 -21.87
C ARG D 70 28.54 19.16 -22.40
N LYS D 71 28.05 18.25 -21.55
CA LYS D 71 27.09 17.28 -22.08
C LYS D 71 25.67 17.84 -22.12
N VAL D 72 25.35 18.82 -21.27
CA VAL D 72 23.98 19.36 -21.28
C VAL D 72 23.75 20.21 -22.52
N LYS D 73 24.77 20.93 -23.00
CA LYS D 73 24.61 21.62 -24.27
C LYS D 73 24.61 20.64 -25.44
N ALA D 74 25.28 19.49 -25.28
CA ALA D 74 25.13 18.43 -26.27
C ALA D 74 23.68 17.96 -26.32
N HIS D 75 23.06 17.80 -25.15
CA HIS D 75 21.62 17.57 -25.08
C HIS D 75 20.86 18.72 -25.74
N SER D 76 21.15 19.95 -25.31
CA SER D 76 20.55 21.14 -25.91
C SER D 76 20.57 21.10 -27.43
N GLN D 77 21.76 20.87 -28.00
CA GLN D 77 21.89 20.89 -29.46
C GLN D 77 21.08 19.76 -30.09
N THR D 78 21.10 18.58 -29.49
CA THR D 78 20.39 17.43 -30.06
C THR D 78 18.90 17.71 -30.21
N HIS D 79 18.27 18.24 -29.15
CA HIS D 79 16.83 18.46 -29.17
C HIS D 79 16.43 19.64 -30.05
N ARG D 80 17.35 20.55 -30.36
CA ARG D 80 17.06 21.58 -31.35
C ARG D 80 16.91 20.97 -32.74
N VAL D 81 17.78 20.02 -33.10
CA VAL D 81 17.62 19.27 -34.34
C VAL D 81 16.36 18.42 -34.29
N ASP D 82 16.10 17.80 -33.13
CA ASP D 82 14.92 16.94 -32.99
C ASP D 82 13.65 17.70 -33.35
N LEU D 83 13.51 18.93 -32.86
CA LEU D 83 12.32 19.73 -33.13
C LEU D 83 12.11 19.94 -34.63
N GLY D 84 13.20 20.08 -35.39
CA GLY D 84 13.06 20.21 -36.83
C GLY D 84 12.74 18.88 -37.50
N THR D 85 13.31 17.79 -36.99
CA THR D 85 13.04 16.47 -37.57
C THR D 85 11.57 16.10 -37.45
N LEU D 86 11.00 16.24 -36.24
CA LEU D 86 9.62 15.82 -36.03
C LEU D 86 8.64 16.76 -36.72
N ARG D 87 8.99 18.04 -36.90
CA ARG D 87 8.07 18.95 -37.58
C ARG D 87 7.91 18.57 -39.04
N GLY D 88 8.95 17.93 -39.62
CA GLY D 88 8.83 17.33 -40.94
C GLY D 88 8.22 15.95 -40.93
N TYR D 89 8.29 15.25 -39.79
CA TYR D 89 7.69 13.92 -39.70
C TYR D 89 6.18 13.99 -39.79
N TYR D 90 5.56 14.86 -38.98
CA TYR D 90 4.11 15.00 -38.91
C TYR D 90 3.55 16.03 -39.88
N ASN D 91 4.39 16.68 -40.68
CA ASN D 91 3.98 17.64 -41.71
C ASN D 91 3.23 18.82 -41.10
N GLN D 92 4.01 19.70 -40.46
CA GLN D 92 3.46 20.94 -39.89
C GLN D 92 4.38 22.10 -40.21
N SER D 93 3.80 23.30 -40.26
CA SER D 93 4.52 24.50 -40.66
C SER D 93 5.61 24.85 -39.66
N GLU D 94 6.55 25.69 -40.12
CA GLU D 94 7.58 26.24 -39.25
C GLU D 94 7.04 27.27 -38.26
N ALA D 95 5.87 27.86 -38.55
CA ALA D 95 5.37 28.95 -37.72
C ALA D 95 4.89 28.49 -36.35
N GLY D 96 4.65 27.19 -36.18
CA GLY D 96 4.12 26.71 -34.91
C GLY D 96 5.20 26.52 -33.87
N SER D 97 4.82 26.74 -32.62
CA SER D 97 5.68 26.48 -31.48
C SER D 97 5.42 25.07 -30.97
N HIS D 98 6.45 24.23 -30.93
CA HIS D 98 6.30 22.85 -30.52
C HIS D 98 7.34 22.53 -29.44
N THR D 99 7.04 21.50 -28.66
CA THR D 99 7.86 21.13 -27.52
C THR D 99 8.22 19.64 -27.58
N VAL D 100 9.46 19.33 -27.24
CA VAL D 100 9.94 17.95 -27.12
C VAL D 100 10.49 17.76 -25.71
N GLN D 101 10.05 16.70 -25.03
CA GLN D 101 10.48 16.39 -23.69
C GLN D 101 11.17 15.03 -23.63
N ARG D 102 12.21 14.95 -22.82
CA ARG D 102 12.93 13.71 -22.57
C ARG D 102 13.15 13.51 -21.09
N MET D 103 12.98 12.27 -20.64
CA MET D 103 13.29 11.88 -19.28
C MET D 103 13.96 10.52 -19.31
N TYR D 104 15.03 10.38 -18.51
CA TYR D 104 15.63 9.06 -18.31
C TYR D 104 16.20 9.01 -16.90
N GLY D 105 16.46 7.80 -16.44
CA GLY D 105 17.00 7.63 -15.11
C GLY D 105 16.93 6.17 -14.68
N CYS D 106 17.27 5.95 -13.41
CA CYS D 106 17.40 4.61 -12.84
C CYS D 106 16.91 4.60 -11.40
N ASP D 107 16.34 3.47 -10.99
CA ASP D 107 16.00 3.21 -9.61
C ASP D 107 16.90 2.12 -9.03
N VAL D 108 17.18 2.20 -7.73
CA VAL D 108 17.94 1.18 -7.01
C VAL D 108 17.11 0.63 -5.85
N GLY D 109 17.36 -0.64 -5.52
CA GLY D 109 16.73 -1.29 -4.39
C GLY D 109 17.36 -0.92 -3.05
N SER D 110 17.07 -1.77 -2.06
CA SER D 110 17.61 -1.55 -0.71
C SER D 110 19.12 -1.49 -0.74
N ASP D 111 19.72 -2.43 -1.49
CA ASP D 111 21.15 -2.62 -1.64
C ASP D 111 21.84 -1.49 -2.38
N TRP D 112 21.09 -0.50 -2.87
CA TRP D 112 21.64 0.59 -3.68
C TRP D 112 22.18 0.10 -5.02
N ARG D 113 21.83 -1.11 -5.43
CA ARG D 113 22.22 -1.65 -6.72
C ARG D 113 21.07 -1.54 -7.71
N PHE D 114 21.40 -1.70 -8.99
CA PHE D 114 20.46 -1.42 -10.07
C PHE D 114 19.18 -2.23 -9.92
N LEU D 115 18.04 -1.56 -10.11
CA LEU D 115 16.74 -2.21 -10.11
C LEU D 115 15.99 -2.02 -11.42
N ARG D 116 15.94 -0.79 -11.95
CA ARG D 116 15.05 -0.47 -13.05
C ARG D 116 15.64 0.71 -13.83
N GLY D 117 15.37 0.75 -15.14
CA GLY D 117 15.81 1.83 -15.97
C GLY D 117 14.72 2.26 -16.94
N TYR D 118 14.82 3.52 -17.39
CA TYR D 118 13.82 4.08 -18.27
C TYR D 118 14.42 5.24 -19.06
N HIS D 119 13.90 5.43 -20.27
CA HIS D 119 14.38 6.48 -21.16
C HIS D 119 13.29 6.75 -22.18
N GLN D 120 12.59 7.88 -22.05
CA GLN D 120 11.39 8.13 -22.84
C GLN D 120 11.40 9.55 -23.39
N TYR D 121 10.78 9.71 -24.55
CA TYR D 121 10.63 10.99 -25.22
C TYR D 121 9.15 11.35 -25.32
N ALA D 122 8.89 12.63 -25.60
CA ALA D 122 7.53 13.08 -25.86
C ALA D 122 7.57 14.28 -26.78
N TYR D 123 6.60 14.35 -27.69
CA TYR D 123 6.45 15.49 -28.61
C TYR D 123 5.07 16.10 -28.43
N ASP D 124 5.04 17.34 -27.93
CA ASP D 124 3.80 18.10 -27.75
C ASP D 124 2.84 17.41 -26.77
N GLY D 125 3.39 16.74 -25.76
CA GLY D 125 2.62 16.12 -24.70
C GLY D 125 2.28 14.67 -24.96
N LYS D 126 2.11 14.29 -26.22
CA LYS D 126 1.84 12.91 -26.63
C LYS D 126 3.11 12.07 -26.55
N ASP D 127 2.98 10.87 -25.98
CA ASP D 127 4.02 9.83 -26.07
C ASP D 127 4.59 9.71 -27.47
N TYR D 128 5.92 9.69 -27.56
CA TYR D 128 6.60 9.46 -28.84
C TYR D 128 7.34 8.12 -28.86
N ILE D 129 8.55 8.09 -28.32
CA ILE D 129 9.35 6.89 -28.23
C ILE D 129 9.68 6.65 -26.77
N ALA D 130 9.79 5.37 -26.41
CA ALA D 130 10.11 5.00 -25.03
C ALA D 130 10.92 3.72 -25.06
N LEU D 131 11.97 3.68 -24.25
CA LEU D 131 12.77 2.47 -24.13
C LEU D 131 12.07 1.49 -23.20
N LYS D 132 12.03 0.23 -23.61
CA LYS D 132 11.27 -0.75 -22.87
C LYS D 132 12.00 -1.11 -21.57
N GLU D 133 11.32 -1.86 -20.72
CA GLU D 133 11.86 -2.16 -19.40
C GLU D 133 12.99 -3.18 -19.43
N ASP D 134 13.07 -4.01 -20.47
CA ASP D 134 14.21 -4.90 -20.62
C ASP D 134 15.45 -4.19 -21.13
N LEU D 135 15.37 -2.89 -21.39
CA LEU D 135 16.49 -2.08 -21.86
C LEU D 135 17.07 -2.63 -23.17
N ARG D 136 16.24 -3.30 -23.97
CA ARG D 136 16.68 -3.92 -25.21
C ARG D 136 15.83 -3.60 -26.42
N SER D 137 14.63 -3.05 -26.24
CA SER D 137 13.73 -2.75 -27.35
C SER D 137 13.05 -1.41 -27.06
N TRP D 138 12.25 -0.95 -28.03
CA TRP D 138 11.57 0.33 -27.95
C TRP D 138 10.08 0.16 -28.19
N THR D 139 9.31 1.14 -27.72
CA THR D 139 7.88 1.23 -27.98
C THR D 139 7.61 2.49 -28.79
N ALA D 140 7.06 2.32 -29.99
CA ALA D 140 6.68 3.44 -30.85
C ALA D 140 5.18 3.69 -30.76
N ALA D 141 4.79 4.92 -30.44
CA ALA D 141 3.38 5.26 -30.30
C ALA D 141 2.70 5.62 -31.62
N ASP D 142 3.45 5.87 -32.69
CA ASP D 142 2.85 6.31 -33.95
C ASP D 142 3.78 5.93 -35.10
N MET D 143 3.29 6.14 -36.32
CA MET D 143 4.06 5.78 -37.50
C MET D 143 5.28 6.67 -37.68
N ALA D 144 5.32 7.86 -37.07
CA ALA D 144 6.54 8.65 -37.07
C ALA D 144 7.57 8.08 -36.10
N ALA D 145 7.16 7.73 -34.88
CA ALA D 145 8.07 7.10 -33.94
C ALA D 145 8.56 5.74 -34.44
N GLN D 146 7.85 5.14 -35.40
CA GLN D 146 8.33 3.91 -36.00
C GLN D 146 9.56 4.15 -36.86
N THR D 147 9.70 5.36 -37.42
CA THR D 147 10.93 5.72 -38.12
C THR D 147 12.09 5.81 -37.15
N THR D 148 11.87 6.49 -36.01
CA THR D 148 12.89 6.54 -34.96
C THR D 148 13.20 5.16 -34.40
N LYS D 149 12.17 4.33 -34.23
CA LYS D 149 12.38 2.99 -33.70
C LYS D 149 13.29 2.17 -34.61
N HIS D 150 13.10 2.27 -35.93
CA HIS D 150 13.96 1.53 -36.86
C HIS D 150 15.38 2.08 -36.87
N LYS D 151 15.55 3.40 -36.85
CA LYS D 151 16.88 3.98 -36.85
C LYS D 151 17.65 3.59 -35.59
N TRP D 152 16.98 3.58 -34.43
CA TRP D 152 17.66 3.32 -33.18
C TRP D 152 17.93 1.83 -32.97
N GLU D 153 17.02 0.97 -33.42
CA GLU D 153 17.24 -0.47 -33.27
C GLU D 153 18.38 -0.95 -34.18
N ALA D 154 18.56 -0.33 -35.34
CA ALA D 154 19.65 -0.71 -36.22
C ALA D 154 20.99 -0.25 -35.66
N ALA D 155 21.05 0.98 -35.14
CA ALA D 155 22.27 1.50 -34.54
C ALA D 155 22.59 0.90 -33.19
N HIS D 156 21.74 0.01 -32.66
CA HIS D 156 21.94 -0.65 -31.37
C HIS D 156 22.04 0.36 -30.23
N VAL D 157 21.17 1.38 -30.26
CA VAL D 157 21.19 2.41 -29.23
C VAL D 157 20.81 1.81 -27.87
N ALA D 158 19.87 0.85 -27.87
CA ALA D 158 19.36 0.32 -26.61
C ALA D 158 20.43 -0.39 -25.80
N GLU D 159 21.34 -1.12 -26.46
CA GLU D 159 22.40 -1.80 -25.74
C GLU D 159 23.38 -0.78 -25.16
N GLN D 160 23.50 0.36 -25.83
CA GLN D 160 24.34 1.46 -25.40
C GLN D 160 23.74 2.21 -24.22
N LEU D 161 22.44 2.49 -24.28
CA LEU D 161 21.77 3.19 -23.19
C LEU D 161 21.78 2.36 -21.91
N ARG D 162 21.64 1.04 -22.05
CA ARG D 162 21.66 0.15 -20.90
C ARG D 162 22.99 0.24 -20.16
N ALA D 163 24.09 0.48 -20.87
CA ALA D 163 25.38 0.68 -20.21
C ALA D 163 25.33 1.86 -19.25
N TYR D 164 24.67 2.96 -19.66
CA TYR D 164 24.53 4.11 -18.79
C TYR D 164 23.55 3.84 -17.66
N LEU D 165 22.38 3.29 -17.99
CA LEU D 165 21.35 3.07 -16.97
C LEU D 165 21.83 2.11 -15.89
N GLU D 166 22.42 0.97 -16.30
CA GLU D 166 22.91 0.00 -15.33
C GLU D 166 24.28 0.38 -14.76
N GLY D 167 24.97 1.36 -15.35
CA GLY D 167 26.29 1.71 -14.89
C GLY D 167 26.41 3.10 -14.31
N THR D 168 26.74 4.08 -15.17
CA THR D 168 27.02 5.43 -14.71
C THR D 168 25.87 6.02 -13.90
N CYS D 169 24.63 5.72 -14.29
CA CYS D 169 23.47 6.21 -13.55
C CYS D 169 23.50 5.73 -12.12
N VAL D 170 23.77 4.43 -11.92
CA VAL D 170 23.70 3.84 -10.60
C VAL D 170 24.82 4.32 -9.70
N GLU D 171 26.08 4.33 -10.19
CA GLU D 171 27.18 4.53 -9.25
C GLU D 171 27.11 5.95 -8.67
N TRP D 172 26.76 6.92 -9.52
CA TRP D 172 26.75 8.32 -9.11
C TRP D 172 25.52 8.68 -8.30
N LEU D 173 24.43 7.92 -8.43
CA LEU D 173 23.34 8.06 -7.48
C LEU D 173 23.76 7.56 -6.12
N ARG D 174 24.51 6.44 -6.09
CA ARG D 174 25.10 5.96 -4.83
C ARG D 174 25.95 7.03 -4.17
N ARG D 175 26.71 7.79 -4.95
CA ARG D 175 27.57 8.81 -4.35
C ARG D 175 26.77 10.04 -3.93
N TYR D 176 25.72 10.38 -4.68
CA TYR D 176 24.85 11.46 -4.24
C TYR D 176 24.15 11.10 -2.93
N LEU D 177 23.78 9.83 -2.78
CA LEU D 177 23.12 9.40 -1.55
C LEU D 177 24.07 9.48 -0.36
N GLU D 178 25.34 9.11 -0.54
CA GLU D 178 26.26 9.15 0.60
C GLU D 178 26.78 10.57 0.86
N ASN D 179 27.01 11.34 -0.19
CA ASN D 179 27.48 12.71 0.00
C ASN D 179 26.40 13.60 0.59
N GLY D 180 25.14 13.28 0.36
CA GLY D 180 24.05 14.07 0.91
C GLY D 180 23.09 13.25 1.74
N LYS D 181 23.63 12.40 2.63
CA LYS D 181 22.80 11.55 3.46
C LYS D 181 21.83 12.37 4.31
N GLU D 182 22.31 13.49 4.87
CA GLU D 182 21.49 14.28 5.78
C GLU D 182 20.26 14.85 5.09
N THR D 183 20.34 15.08 3.77
CA THR D 183 19.22 15.62 3.00
C THR D 183 18.44 14.54 2.25
N LEU D 184 19.13 13.60 1.63
CA LEU D 184 18.48 12.62 0.76
C LEU D 184 18.01 11.37 1.51
N GLN D 185 18.76 10.92 2.52
CA GLN D 185 18.40 9.72 3.26
C GLN D 185 17.52 10.00 4.47
N ARG D 186 16.79 11.11 4.47
CA ARG D 186 15.85 11.45 5.53
C ARG D 186 14.45 11.05 5.11
N THR D 187 13.60 10.84 6.12
CA THR D 187 12.16 10.74 5.92
C THR D 187 11.47 11.62 6.94
N ASP D 188 10.73 12.61 6.47
CA ASP D 188 10.02 13.55 7.32
C ASP D 188 8.56 13.10 7.43
N ALA D 189 8.16 12.68 8.62
CA ALA D 189 6.76 12.29 8.81
C ALA D 189 5.86 13.53 8.73
N PRO D 190 4.67 13.40 8.15
CA PRO D 190 3.83 14.58 7.94
C PRO D 190 3.27 15.13 9.24
N LYS D 191 3.37 16.45 9.41
CA LYS D 191 2.64 17.13 10.46
C LYS D 191 1.17 17.15 10.12
N THR D 192 0.32 16.84 11.09
CA THR D 192 -1.10 16.67 10.83
C THR D 192 -1.93 17.51 11.80
N HIS D 193 -2.97 18.13 11.26
CA HIS D 193 -3.98 18.82 12.06
C HIS D 193 -5.25 18.89 11.22
N MET D 194 -6.34 19.28 11.86
CA MET D 194 -7.64 19.35 11.19
C MET D 194 -8.28 20.70 11.43
N THR D 195 -9.03 21.18 10.44
CA THR D 195 -9.78 22.41 10.53
C THR D 195 -11.25 22.15 10.22
N HIS D 196 -12.08 23.13 10.59
CA HIS D 196 -13.53 23.01 10.52
C HIS D 196 -14.10 24.33 10.03
N HIS D 197 -14.89 24.28 8.98
CA HIS D 197 -15.45 25.49 8.35
C HIS D 197 -16.93 25.26 8.07
N ALA D 198 -17.78 26.04 8.73
CA ALA D 198 -19.22 25.94 8.56
C ALA D 198 -19.62 26.44 7.18
N VAL D 199 -19.97 25.52 6.29
CA VAL D 199 -20.51 25.90 4.98
C VAL D 199 -21.80 26.69 5.17
N SER D 200 -22.76 26.10 5.89
CA SER D 200 -24.05 26.71 6.15
C SER D 200 -24.49 26.37 7.57
N ASP D 201 -25.79 26.14 7.75
CA ASP D 201 -26.31 25.73 9.05
C ASP D 201 -26.33 24.22 9.22
N HIS D 202 -26.46 23.46 8.13
CA HIS D 202 -26.62 22.03 8.19
C HIS D 202 -25.41 21.26 7.64
N GLU D 203 -24.34 21.96 7.27
CA GLU D 203 -23.16 21.30 6.71
C GLU D 203 -21.90 22.03 7.12
N ALA D 204 -20.82 21.28 7.28
CA ALA D 204 -19.51 21.83 7.57
C ALA D 204 -18.45 21.05 6.78
N THR D 205 -17.30 21.67 6.58
CA THR D 205 -16.20 21.08 5.85
C THR D 205 -15.09 20.69 6.82
N LEU D 206 -14.63 19.45 6.72
CA LEU D 206 -13.54 18.95 7.54
C LEU D 206 -12.33 18.74 6.64
N ARG D 207 -11.29 19.54 6.84
CA ARG D 207 -10.06 19.43 6.06
C ARG D 207 -8.94 18.82 6.90
N CYS D 208 -8.30 17.80 6.34
CA CYS D 208 -7.27 17.01 7.00
C CYS D 208 -5.92 17.38 6.39
N TRP D 209 -5.03 17.93 7.22
CA TRP D 209 -3.79 18.53 6.74
C TRP D 209 -2.61 17.59 6.95
N ALA D 210 -1.77 17.48 5.93
CA ALA D 210 -0.49 16.80 6.02
C ALA D 210 0.57 17.75 5.47
N LEU D 211 1.44 18.26 6.33
CA LEU D 211 2.40 19.27 5.93
C LEU D 211 3.82 18.83 6.29
N SER D 212 4.78 19.38 5.54
CA SER D 212 6.21 19.28 5.86
C SER D 212 6.68 17.84 5.90
N PHE D 213 6.32 17.07 4.88
CA PHE D 213 6.74 15.67 4.79
C PHE D 213 7.62 15.46 3.57
N TYR D 214 8.42 14.40 3.65
CA TYR D 214 9.32 13.97 2.58
C TYR D 214 9.56 12.47 2.74
N PRO D 215 9.48 11.67 1.66
CA PRO D 215 9.19 12.03 0.27
C PRO D 215 7.74 12.43 0.04
N ALA D 216 7.41 12.78 -1.20
CA ALA D 216 6.08 13.32 -1.50
C ALA D 216 4.99 12.24 -1.54
N GLU D 217 5.37 10.97 -1.68
CA GLU D 217 4.37 9.91 -1.75
C GLU D 217 3.59 9.84 -0.44
N ILE D 218 2.28 10.05 -0.52
CA ILE D 218 1.44 10.14 0.66
C ILE D 218 0.03 9.73 0.27
N THR D 219 -0.68 9.12 1.21
CA THR D 219 -2.06 8.71 1.01
C THR D 219 -2.91 9.27 2.14
N LEU D 220 -3.86 10.13 1.79
CA LEU D 220 -4.84 10.62 2.74
C LEU D 220 -6.22 10.08 2.36
N THR D 221 -6.97 9.64 3.36
CA THR D 221 -8.25 9.00 3.13
C THR D 221 -9.23 9.40 4.22
N TRP D 222 -10.46 9.69 3.82
CA TRP D 222 -11.53 10.01 4.75
C TRP D 222 -12.44 8.81 4.93
N GLN D 223 -12.87 8.57 6.17
CA GLN D 223 -13.81 7.51 6.49
C GLN D 223 -14.95 8.07 7.32
N ARG D 224 -16.14 7.51 7.10
CA ARG D 224 -17.29 7.74 7.97
C ARG D 224 -17.75 6.38 8.50
N ASP D 225 -17.79 6.26 9.83
CA ASP D 225 -17.99 4.97 10.51
C ASP D 225 -16.95 3.95 10.06
N GLY D 226 -15.74 4.42 9.75
CA GLY D 226 -14.68 3.56 9.28
C GLY D 226 -14.76 3.16 7.82
N GLU D 227 -15.77 3.63 7.09
CA GLU D 227 -15.94 3.30 5.68
C GLU D 227 -15.34 4.39 4.82
N ASP D 228 -14.40 4.01 3.96
CA ASP D 228 -13.73 4.96 3.08
C ASP D 228 -14.74 5.73 2.23
N GLN D 229 -14.61 7.05 2.25
CA GLN D 229 -15.51 7.92 1.47
C GLN D 229 -14.83 8.27 0.14
N THR D 230 -14.69 7.24 -0.70
CA THR D 230 -14.03 7.42 -1.99
C THR D 230 -14.75 8.45 -2.85
N GLN D 231 -16.05 8.61 -2.67
CA GLN D 231 -16.81 9.70 -3.23
C GLN D 231 -17.23 10.66 -2.13
N ASP D 232 -17.61 11.88 -2.53
CA ASP D 232 -17.97 12.97 -1.64
C ASP D 232 -16.79 13.50 -0.84
N THR D 233 -15.57 13.22 -1.28
CA THR D 233 -14.37 13.80 -0.70
C THR D 233 -13.55 14.48 -1.79
N GLU D 234 -12.92 15.59 -1.42
CA GLU D 234 -12.12 16.40 -2.33
C GLU D 234 -10.66 16.26 -1.94
N LEU D 235 -9.85 15.72 -2.83
CA LEU D 235 -8.43 15.54 -2.59
C LEU D 235 -7.64 16.38 -3.57
N VAL D 236 -6.55 16.95 -3.06
CA VAL D 236 -5.75 17.91 -3.79
C VAL D 236 -4.39 17.31 -4.12
N GLU D 237 -3.86 17.65 -5.29
CA GLU D 237 -2.58 17.09 -5.71
C GLU D 237 -1.46 17.62 -4.83
N THR D 238 -0.49 16.74 -4.53
CA THR D 238 0.61 17.09 -3.63
C THR D 238 1.42 18.28 -4.14
N ARG D 239 1.65 19.26 -3.25
CA ARG D 239 2.23 20.58 -3.36
C ARG D 239 3.64 20.60 -2.80
N PRO D 240 4.57 21.30 -3.44
CA PRO D 240 5.85 21.59 -2.79
C PRO D 240 5.69 22.78 -1.84
N ALA D 241 6.22 22.63 -0.63
CA ALA D 241 6.24 23.73 0.33
C ALA D 241 7.26 24.80 -0.05
N GLY D 242 8.23 24.47 -0.91
CA GLY D 242 9.26 25.40 -1.28
C GLY D 242 10.53 25.31 -0.46
N ASP D 243 10.50 24.58 0.66
CA ASP D 243 11.66 24.37 1.52
C ASP D 243 12.24 22.97 1.38
N GLY D 244 11.80 22.20 0.39
CA GLY D 244 12.22 20.83 0.24
C GLY D 244 11.27 19.80 0.80
N THR D 245 10.10 20.21 1.29
CA THR D 245 9.07 19.31 1.77
C THR D 245 7.78 19.58 1.00
N PHE D 246 6.79 18.70 1.20
CA PHE D 246 5.56 18.74 0.45
C PHE D 246 4.35 18.84 1.37
N GLN D 247 3.22 19.21 0.77
CA GLN D 247 1.96 19.44 1.47
C GLN D 247 0.83 18.75 0.71
N LYS D 248 -0.21 18.36 1.44
CA LYS D 248 -1.40 17.81 0.83
C LYS D 248 -2.54 17.85 1.84
N TRP D 249 -3.76 18.02 1.34
CA TRP D 249 -4.92 17.97 2.22
C TRP D 249 -6.08 17.30 1.52
N ALA D 250 -7.10 16.96 2.31
CA ALA D 250 -8.35 16.37 1.85
C ALA D 250 -9.51 16.99 2.60
N ALA D 251 -10.64 17.15 1.92
CA ALA D 251 -11.80 17.80 2.49
C ALA D 251 -13.03 16.94 2.27
N VAL D 252 -13.96 17.02 3.21
CA VAL D 252 -15.25 16.33 3.12
C VAL D 252 -16.30 17.21 3.77
N VAL D 253 -17.51 17.18 3.22
CA VAL D 253 -18.61 17.99 3.71
C VAL D 253 -19.52 17.10 4.54
N VAL D 254 -19.53 17.33 5.85
CA VAL D 254 -20.24 16.47 6.79
C VAL D 254 -21.51 17.15 7.27
N PRO D 255 -22.55 16.39 7.61
CA PRO D 255 -23.71 17.01 8.26
C PRO D 255 -23.36 17.49 9.66
N SER D 256 -23.84 18.68 10.00
CA SER D 256 -23.50 19.30 11.28
C SER D 256 -23.96 18.44 12.44
N GLY D 257 -23.06 18.22 13.41
CA GLY D 257 -23.34 17.36 14.53
C GLY D 257 -22.91 15.92 14.36
N GLN D 258 -22.34 15.57 13.21
CA GLN D 258 -21.91 14.21 12.91
C GLN D 258 -20.40 14.12 12.73
N GLU D 259 -19.66 15.01 13.40
CA GLU D 259 -18.21 15.02 13.25
C GLU D 259 -17.57 13.76 13.81
N GLN D 260 -18.05 13.28 14.95
CA GLN D 260 -17.52 12.06 15.55
C GLN D 260 -17.64 10.82 14.65
N ARG D 261 -18.46 10.90 13.60
CA ARG D 261 -18.62 9.75 12.72
C ARG D 261 -17.58 9.71 11.61
N TYR D 262 -16.67 10.69 11.58
CA TYR D 262 -15.75 10.89 10.47
C TYR D 262 -14.32 10.71 10.95
N THR D 263 -13.51 10.07 10.10
CA THR D 263 -12.13 9.74 10.41
C THR D 263 -11.25 10.10 9.22
N CYS D 264 -10.16 10.81 9.48
CA CYS D 264 -9.12 10.97 8.48
C CYS D 264 -7.91 10.10 8.83
N HIS D 265 -7.24 9.57 7.80
CA HIS D 265 -6.08 8.72 7.97
C HIS D 265 -4.98 9.16 7.03
N VAL D 266 -3.75 9.24 7.56
CA VAL D 266 -2.58 9.64 6.79
C VAL D 266 -1.66 8.44 6.70
N GLN D 267 -1.26 8.08 5.48
CA GLN D 267 -0.34 6.97 5.25
C GLN D 267 0.92 7.51 4.59
N HIS D 268 2.07 7.24 5.19
CA HIS D 268 3.32 7.79 4.71
C HIS D 268 4.46 6.82 5.00
N GLU D 269 5.58 7.06 4.32
CA GLU D 269 6.79 6.27 4.55
C GLU D 269 7.23 6.30 6.01
N GLY D 270 7.16 7.47 6.64
CA GLY D 270 7.57 7.65 8.02
C GLY D 270 6.52 7.31 9.05
N LEU D 271 5.42 6.69 8.64
CA LEU D 271 4.39 6.24 9.57
C LEU D 271 4.23 4.74 9.43
N PRO D 272 4.69 3.94 10.41
CA PRO D 272 4.59 2.48 10.25
C PRO D 272 3.16 1.99 10.15
N LYS D 273 2.23 2.65 10.85
CA LYS D 273 0.82 2.35 10.81
C LYS D 273 0.05 3.62 10.48
N PRO D 274 -1.09 3.51 9.80
CA PRO D 274 -1.85 4.72 9.42
C PRO D 274 -2.18 5.59 10.63
N LEU D 275 -1.95 6.89 10.47
CA LEU D 275 -2.16 7.86 11.54
C LEU D 275 -3.59 8.41 11.49
N THR D 276 -4.28 8.35 12.62
CA THR D 276 -5.70 8.69 12.70
C THR D 276 -5.91 10.12 13.17
N LEU D 277 -6.82 10.85 12.50
CA LEU D 277 -7.14 12.23 12.85
C LEU D 277 -8.64 12.39 13.02
N ARG D 278 -9.04 12.98 14.14
CA ARG D 278 -10.43 13.26 14.47
C ARG D 278 -10.63 14.77 14.68
N TRP D 279 -11.89 15.16 14.89
CA TRP D 279 -12.25 16.54 15.17
C TRP D 279 -12.49 16.72 16.66
N GLU D 280 -11.64 17.50 17.31
CA GLU D 280 -11.77 17.79 18.74
C GLU D 280 -13.08 18.50 19.05
N ILE E 6 -2.01 18.01 -28.04
CA ILE E 6 -3.10 18.22 -27.08
C ILE E 6 -2.62 19.17 -25.99
N GLN E 7 -3.56 19.90 -25.38
CA GLN E 7 -3.26 20.94 -24.43
C GLN E 7 -4.21 20.83 -23.24
N ARG E 8 -3.68 21.08 -22.05
CA ARG E 8 -4.39 20.83 -20.79
C ARG E 8 -4.34 22.06 -19.91
N THR E 9 -5.45 22.34 -19.22
CA THR E 9 -5.57 23.52 -18.38
C THR E 9 -4.78 23.34 -17.08
N PRO E 10 -4.13 24.41 -16.60
CA PRO E 10 -3.30 24.29 -15.39
C PRO E 10 -4.15 24.28 -14.12
N LYS E 11 -3.83 23.34 -13.22
CA LYS E 11 -4.41 23.31 -11.88
C LYS E 11 -3.67 24.33 -11.01
N ILE E 12 -4.40 25.29 -10.47
CA ILE E 12 -3.82 26.39 -9.71
C ILE E 12 -4.03 26.13 -8.22
N GLN E 13 -3.02 26.46 -7.42
CA GLN E 13 -3.14 26.35 -5.97
C GLN E 13 -2.30 27.42 -5.30
N VAL E 14 -2.96 28.29 -4.55
CA VAL E 14 -2.29 29.34 -3.79
C VAL E 14 -2.32 28.95 -2.33
N TYR E 15 -1.20 29.19 -1.64
CA TYR E 15 -1.04 28.72 -0.28
C TYR E 15 0.22 29.33 0.30
N SER E 16 0.36 29.19 1.62
CA SER E 16 1.54 29.62 2.33
C SER E 16 2.40 28.42 2.65
N ARG E 17 3.71 28.65 2.82
CA ARG E 17 4.61 27.55 3.11
C ARG E 17 4.29 26.94 4.48
N HIS E 18 4.06 27.78 5.47
CA HIS E 18 3.62 27.40 6.79
C HIS E 18 2.21 27.91 7.05
N PRO E 19 1.49 27.36 8.03
CA PRO E 19 0.16 27.89 8.35
C PRO E 19 0.19 29.39 8.63
N ALA E 20 -0.82 30.08 8.12
CA ALA E 20 -0.84 31.54 8.18
C ALA E 20 -1.20 32.03 9.57
N GLU E 21 -0.41 32.98 10.08
CA GLU E 21 -0.71 33.71 11.30
C GLU E 21 -0.33 35.17 11.10
N ASN E 22 -1.30 36.05 11.35
CA ASN E 22 -1.12 37.48 11.07
C ASN E 22 0.06 38.04 11.84
N GLY E 23 0.96 38.71 11.11
CA GLY E 23 2.17 39.26 11.67
C GLY E 23 3.42 38.43 11.39
N LYS E 24 3.27 37.13 11.17
CA LYS E 24 4.42 36.27 10.89
C LYS E 24 4.85 36.37 9.45
N SER E 25 6.17 36.49 9.23
CA SER E 25 6.70 36.37 7.89
C SER E 25 6.46 34.96 7.36
N ASN E 26 6.36 34.83 6.05
CA ASN E 26 5.98 33.55 5.47
C ASN E 26 6.42 33.52 4.02
N PHE E 27 5.98 32.49 3.29
CA PHE E 27 6.22 32.35 1.86
C PHE E 27 4.88 32.04 1.22
N LEU E 28 4.47 32.86 0.27
CA LEU E 28 3.21 32.64 -0.44
C LEU E 28 3.53 31.94 -1.75
N ASN E 29 2.91 30.79 -1.98
CA ASN E 29 3.23 29.93 -3.11
C ASN E 29 2.04 29.84 -4.06
N CYS E 30 2.32 29.93 -5.35
CA CYS E 30 1.36 29.55 -6.38
C CYS E 30 1.93 28.37 -7.13
N TYR E 31 1.21 27.26 -7.10
CA TYR E 31 1.66 26.01 -7.69
C TYR E 31 0.78 25.69 -8.88
N VAL E 32 1.37 25.72 -10.07
CA VAL E 32 0.70 25.39 -11.31
C VAL E 32 1.18 24.00 -11.76
N SER E 33 0.23 23.13 -12.05
CA SER E 33 0.54 21.80 -12.55
C SER E 33 -0.54 21.38 -13.54
N GLY E 34 -0.25 20.31 -14.27
CA GLY E 34 -1.21 19.73 -15.20
C GLY E 34 -1.42 20.50 -16.48
N PHE E 35 -0.47 21.33 -16.90
CA PHE E 35 -0.65 22.15 -18.08
C PHE E 35 0.35 21.76 -19.17
N HIS E 36 0.09 22.28 -20.38
CA HIS E 36 0.86 22.01 -21.58
C HIS E 36 0.38 22.96 -22.68
N PRO E 37 1.29 23.64 -23.40
CA PRO E 37 2.75 23.59 -23.31
C PRO E 37 3.33 24.36 -22.12
N SER E 38 4.64 24.58 -22.15
CA SER E 38 5.35 25.13 -21.01
C SER E 38 5.10 26.62 -20.84
N ASP E 39 4.74 27.33 -21.91
CA ASP E 39 4.52 28.76 -21.81
C ASP E 39 3.40 29.05 -20.85
N ILE E 40 3.75 29.52 -19.66
CA ILE E 40 2.80 29.87 -18.62
C ILE E 40 3.22 31.22 -18.08
N GLU E 41 2.26 32.05 -17.75
CA GLU E 41 2.52 33.39 -17.24
C GLU E 41 1.67 33.57 -15.99
N VAL E 42 2.33 33.77 -14.86
CA VAL E 42 1.69 33.67 -13.55
C VAL E 42 2.30 34.71 -12.62
N ASP E 43 1.45 35.40 -11.87
CA ASP E 43 1.91 36.36 -10.88
C ASP E 43 1.11 36.20 -9.59
N LEU E 44 1.63 36.77 -8.51
CA LEU E 44 0.94 36.82 -7.23
C LEU E 44 0.56 38.24 -6.88
N LEU E 45 -0.66 38.41 -6.39
CA LEU E 45 -1.29 39.71 -6.24
C LEU E 45 -1.51 40.06 -4.78
N LYS E 46 -1.29 41.33 -4.45
CA LYS E 46 -1.65 41.90 -3.16
C LYS E 46 -2.68 43.00 -3.43
N ASN E 47 -3.94 42.69 -3.18
CA ASN E 47 -5.07 43.56 -3.58
C ASN E 47 -4.86 44.11 -4.99
N GLY E 48 -4.62 43.20 -5.94
CA GLY E 48 -4.61 43.57 -7.35
C GLY E 48 -3.31 44.03 -7.96
N GLU E 49 -2.18 43.95 -7.24
CA GLU E 49 -0.89 44.32 -7.80
C GLU E 49 0.10 43.17 -7.83
N ARG E 50 0.92 43.14 -8.89
CA ARG E 50 1.99 42.16 -8.94
C ARG E 50 3.07 42.52 -7.93
N ILE E 51 3.61 41.50 -7.24
CA ILE E 51 4.86 41.65 -6.51
C ILE E 51 6.00 41.46 -7.52
N GLU E 52 7.13 42.16 -7.34
CA GLU E 52 8.10 42.14 -8.42
C GLU E 52 9.39 41.46 -8.03
N LYS E 53 9.46 40.85 -6.85
CA LYS E 53 10.55 39.97 -6.48
C LYS E 53 9.94 38.60 -6.26
N VAL E 54 9.56 37.98 -7.39
CA VAL E 54 9.00 36.65 -7.42
C VAL E 54 10.01 35.75 -8.11
N GLU E 55 10.36 34.65 -7.46
CA GLU E 55 11.20 33.62 -8.06
C GLU E 55 10.31 32.44 -8.41
N HIS E 56 10.84 31.55 -9.25
CA HIS E 56 10.09 30.38 -9.68
C HIS E 56 11.03 29.20 -9.81
N SER E 57 10.48 28.01 -9.60
CA SER E 57 11.24 26.79 -9.77
C SER E 57 11.72 26.68 -11.22
N ASP E 58 12.62 25.73 -11.44
CA ASP E 58 13.02 25.39 -12.79
C ASP E 58 12.05 24.37 -13.36
N LEU E 59 11.65 24.57 -14.61
CA LEU E 59 10.55 23.78 -15.18
C LEU E 59 10.87 22.29 -15.20
N SER E 60 9.84 21.49 -14.93
CA SER E 60 9.93 20.04 -14.90
C SER E 60 8.55 19.50 -15.28
N PHE E 61 8.44 18.17 -15.39
CA PHE E 61 7.17 17.54 -15.76
C PHE E 61 6.98 16.26 -14.96
N SER E 62 5.81 15.62 -15.07
CA SER E 62 5.41 14.46 -14.28
C SER E 62 5.43 13.22 -15.21
N LYS E 63 4.94 12.10 -14.68
CA LYS E 63 4.85 10.87 -15.44
C LYS E 63 3.93 11.05 -16.64
N ASP E 64 2.88 11.87 -16.50
CA ASP E 64 1.98 12.07 -17.63
C ASP E 64 2.42 13.20 -18.57
N TRP E 65 3.66 13.69 -18.43
CA TRP E 65 4.28 14.77 -19.21
C TRP E 65 3.71 16.15 -18.90
N SER E 66 2.75 16.25 -17.97
CA SER E 66 2.26 17.55 -17.53
C SER E 66 3.37 18.39 -16.90
N PHE E 67 3.34 19.69 -17.17
CA PHE E 67 4.33 20.60 -16.61
C PHE E 67 3.92 21.07 -15.23
N TYR E 68 4.91 21.44 -14.41
CA TYR E 68 4.64 22.05 -13.12
C TYR E 68 5.76 23.01 -12.77
N LEU E 69 5.39 24.13 -12.17
CA LEU E 69 6.33 25.09 -11.59
C LEU E 69 5.74 25.63 -10.31
N LEU E 70 6.63 26.10 -9.44
CA LEU E 70 6.23 26.71 -8.17
C LEU E 70 6.77 28.14 -8.16
N TYR E 71 5.86 29.11 -8.24
CA TYR E 71 6.20 30.51 -8.07
C TYR E 71 5.99 30.89 -6.61
N TYR E 72 6.92 31.66 -6.06
CA TYR E 72 6.90 31.91 -4.63
C TYR E 72 7.51 33.26 -4.30
N THR E 73 6.87 33.98 -3.39
CA THR E 73 7.44 35.20 -2.85
C THR E 73 7.33 35.16 -1.34
N GLU E 74 7.67 36.26 -0.68
CA GLU E 74 7.72 36.32 0.77
C GLU E 74 6.82 37.46 1.23
N PHE E 75 6.02 37.21 2.27
CA PHE E 75 4.92 38.11 2.59
C PHE E 75 4.51 37.91 4.05
N THR E 76 3.78 38.88 4.57
CA THR E 76 3.26 38.83 5.93
C THR E 76 1.75 39.04 5.88
N PRO E 77 0.95 37.99 6.10
CA PRO E 77 -0.50 38.14 6.01
C PRO E 77 -1.05 39.01 7.13
N THR E 78 -2.13 39.72 6.82
CA THR E 78 -2.92 40.47 7.80
C THR E 78 -4.36 39.98 7.72
N GLU E 79 -5.27 40.73 8.35
CA GLU E 79 -6.63 40.23 8.48
C GLU E 79 -7.47 40.47 7.23
N LYS E 80 -7.21 41.56 6.50
CA LYS E 80 -7.99 41.89 5.31
C LYS E 80 -7.09 42.37 4.19
N ASP E 81 -5.89 41.81 4.09
CA ASP E 81 -5.12 41.88 2.86
C ASP E 81 -5.55 40.73 1.97
N GLU E 82 -5.95 41.04 0.75
CA GLU E 82 -6.46 40.04 -0.18
C GLU E 82 -5.33 39.63 -1.11
N TYR E 83 -4.94 38.37 -1.05
CA TYR E 83 -3.90 37.83 -1.90
C TYR E 83 -4.49 36.83 -2.88
N ALA E 84 -3.87 36.75 -4.05
CA ALA E 84 -4.37 35.92 -5.13
C ALA E 84 -3.21 35.55 -6.04
N CYS E 85 -3.47 34.62 -6.93
CA CYS E 85 -2.54 34.25 -7.99
C CYS E 85 -3.26 34.36 -9.32
N ARG E 86 -2.67 35.11 -10.24
CA ARG E 86 -3.24 35.30 -11.57
C ARG E 86 -2.47 34.41 -12.53
N VAL E 87 -3.18 33.58 -13.28
CA VAL E 87 -2.57 32.60 -14.16
C VAL E 87 -3.18 32.75 -15.54
N ASN E 88 -2.33 32.80 -16.56
CA ASN E 88 -2.77 32.90 -17.94
C ASN E 88 -2.11 31.79 -18.75
N HIS E 89 -2.83 31.26 -19.72
CA HIS E 89 -2.36 30.11 -20.47
C HIS E 89 -3.10 30.05 -21.80
N VAL E 90 -2.60 29.20 -22.69
CA VAL E 90 -3.32 28.90 -23.93
C VAL E 90 -4.70 28.34 -23.63
N THR E 91 -4.76 27.39 -22.69
CA THR E 91 -6.00 26.69 -22.36
C THR E 91 -6.98 27.55 -21.57
N LEU E 92 -6.59 28.75 -21.16
CA LEU E 92 -7.44 29.66 -20.41
C LEU E 92 -7.86 30.79 -21.35
N SER E 93 -9.17 31.00 -21.48
CA SER E 93 -9.64 32.03 -22.40
C SER E 93 -9.40 33.43 -21.87
N GLN E 94 -9.50 33.61 -20.55
CA GLN E 94 -9.29 34.90 -19.90
C GLN E 94 -8.62 34.61 -18.56
N PRO E 95 -7.87 35.57 -17.98
CA PRO E 95 -7.04 35.21 -16.83
C PRO E 95 -7.84 34.75 -15.62
N LYS E 96 -7.41 33.61 -15.07
CA LYS E 96 -8.05 32.98 -13.93
C LYS E 96 -7.36 33.47 -12.65
N ILE E 97 -8.14 34.06 -11.74
CA ILE E 97 -7.64 34.55 -10.47
C ILE E 97 -8.13 33.64 -9.37
N VAL E 98 -7.20 33.09 -8.61
CA VAL E 98 -7.48 32.25 -7.46
C VAL E 98 -6.99 33.00 -6.23
N LYS E 99 -7.90 33.42 -5.38
CA LYS E 99 -7.53 34.21 -4.22
C LYS E 99 -7.15 33.29 -3.07
N TRP E 100 -6.24 33.77 -2.23
CA TRP E 100 -5.65 32.96 -1.18
C TRP E 100 -6.57 32.90 0.04
N ASP E 101 -6.77 31.68 0.55
CA ASP E 101 -7.59 31.41 1.73
C ASP E 101 -6.74 30.59 2.68
N ARG E 102 -6.43 31.14 3.86
CA ARG E 102 -5.51 30.51 4.80
C ARG E 102 -5.90 29.07 5.15
N ASP E 103 -7.12 28.67 4.79
CA ASP E 103 -7.57 27.30 4.92
C ASP E 103 -7.65 26.57 3.58
N MET E 104 -7.35 27.26 2.47
CA MET E 104 -7.50 26.72 1.12
C MET E 104 -8.96 26.31 0.85
N LYS F 1 25.11 11.91 -12.53
CA LYS F 1 25.68 12.46 -13.75
C LYS F 1 24.81 12.31 -14.97
N ILE F 2 24.79 13.36 -15.80
CA ILE F 2 24.03 13.29 -17.04
C ILE F 2 24.76 12.39 -18.04
N ALA F 3 24.02 11.89 -19.02
CA ALA F 3 24.58 10.96 -19.99
C ALA F 3 25.43 11.69 -21.01
N ASP F 4 26.47 11.00 -21.48
CA ASP F 4 27.42 11.57 -22.43
C ASP F 4 26.97 11.40 -23.88
N TYR F 5 26.03 10.49 -24.15
CA TYR F 5 25.71 10.06 -25.50
C TYR F 5 24.27 10.40 -25.86
N ASN F 6 24.10 11.12 -26.98
CA ASN F 6 22.81 11.54 -27.52
C ASN F 6 22.68 11.11 -28.97
N TYR F 7 21.45 10.81 -29.37
CA TYR F 7 21.11 10.42 -30.73
C TYR F 7 19.80 11.09 -31.13
N LYS F 8 19.70 11.41 -32.42
CA LYS F 8 18.53 12.07 -32.96
C LYS F 8 17.40 11.10 -33.23
N LEU F 9 16.20 11.64 -33.35
CA LEU F 9 15.00 10.84 -33.62
C LEU F 9 14.72 10.82 -35.10
#